data_8SM3
#
_entry.id   8SM3
#
_cell.length_a   215.791
_cell.length_b   215.791
_cell.length_c   173.807
_cell.angle_alpha   90.000
_cell.angle_beta   90.000
_cell.angle_gamma   120.000
#
_symmetry.space_group_name_H-M   'P 62 2 2'
#
loop_
_entity.id
_entity.type
_entity.pdbx_description
1 polymer 'Endonuclease GajA'
2 polymer 'Gabija protein GajB'
3 non-polymer 'SULFATE ION'
#
loop_
_entity_poly.entity_id
_entity_poly.type
_entity_poly.pdbx_seq_one_letter_code
_entity_poly.pdbx_strand_id
1 'polypeptide(L)'
;GSGSGSGSGSSKFSNITIKNFRNFEKVNINLDNKNVIFGMNDIGKTNFLYALRFLLDKEIRKFGFNKSDYHKHDTSKKIE
IILTLDLSNYEKDEDTKKLISVVKGARTSANADVFYIALESKYDDKELYGNIILKWGSELDNLIDIPGRGNINALDNVFK
VIYINPLVDLDKLFAQNKKYIFEESQGNESDEGILNNIKSLTDQVNQQIGEMTIIKGFQQEITSEYRSLKKEEVSIELKS
EMAIKGFFSDIIPYIKKDGDSNYYPTSGDGRRKMLSYSIYNYLAKKKYEDKIVIYLIEEPEISLHRSMQIALSKQLFEQS
TYKYFFLSTHSPELLYEMDNTRLIRVHSTEKVVCSSHMYNVEEAYGSVKKKLNKALSSALFAERVLLIEGPSEKILFEKV
LDEVEPEYELNGGFLLEVGGTYFNHYVCTLNDLGITHIIKTDNDLKSKKGKKGVYELLGLNRCLNLLGRENLDEITIDIP
EDIKGKKKKERLNERKKEIFKQYKNEVGEFLGERIYLSEIDLENDLYSAIGESMKRIFENEDPVHYLQKSKLFNMVELVN
NLSTKDCFDVFEHEKFACLKELVGSDRG
;
A
2 'polypeptide(L)'
;SREQIIKDGGNILVTAGAGSGKTTILVSKIEADLKENKTHYSIAAVTFTNKAAKEIEGRLGYSSRGNFIGTNDGFVESEI
IRPFIKDAFGNDYPDNFTAEYFDNQFASYDKGLQVLKYQNILGTYSNPKKNFKFQLALDILKKSLVARQYIFSKYFKIFI
DEYQDSDKDMHNLFMYLKDQLKIKLFIVGDPKQSIYIWRGAEPENFNGLIENSTDFNKYHLTSNFRCCQDIQNYSNLFNE
ETRSLIKEKNEVQNVISIADDMPISDILLKLTEEKQVLNIEAELVILVRRRNQAIEIMKELNEEGFNFIFIPQTPLDRAT
PNATLLKEVIKYVKNDRYSIYDLAAEIVGNLSSREIKEIQKIINELLVPNINQVLINQVLINLFAKLEITLDTREITAFT
EVMMTNEFDIAFDTNEYLHKIFTVHSAKGLEFNQVIITASDYNVHYNRDTNEHYVATTRAKDKLIVIMDNKKYSDYIETL
MKELKIKNIIKSI
;
B
#
loop_
_chem_comp.id
_chem_comp.type
_chem_comp.name
_chem_comp.formula
SO4 non-polymer 'SULFATE ION' 'O4 S -2'
#
# COMPACT_ATOMS: atom_id res chain seq x y z
N SER A 10 12.84 11.39 13.37
CA SER A 10 13.15 10.58 12.20
C SER A 10 12.48 9.22 12.28
N SER A 11 11.65 9.04 13.30
CA SER A 11 10.91 7.80 13.51
C SER A 11 9.42 8.09 13.47
N LYS A 12 8.67 7.23 12.77
CA LYS A 12 7.22 7.41 12.70
C LYS A 12 6.57 7.26 14.06
N PHE A 13 7.06 6.32 14.86
CA PHE A 13 6.47 6.03 16.17
C PHE A 13 7.15 6.93 17.21
N SER A 14 6.40 7.91 17.71
CA SER A 14 6.92 8.85 18.70
C SER A 14 6.85 8.27 20.11
N ASN A 15 5.66 8.31 20.71
CA ASN A 15 5.47 7.78 22.05
C ASN A 15 4.07 7.21 22.16
N ILE A 16 3.86 6.40 23.19
CA ILE A 16 2.56 5.79 23.48
C ILE A 16 2.16 6.15 24.90
N THR A 17 0.88 6.44 25.10
CA THR A 17 0.33 6.78 26.40
C THR A 17 -0.72 5.76 26.78
N ILE A 18 -0.63 5.25 28.01
CA ILE A 18 -1.55 4.24 28.51
C ILE A 18 -2.12 4.74 29.83
N LYS A 19 -3.43 4.94 29.88
CA LYS A 19 -4.12 5.48 31.04
C LYS A 19 -5.17 4.51 31.54
N ASN A 20 -5.07 4.13 32.81
CA ASN A 20 -6.11 3.35 33.50
C ASN A 20 -6.37 2.00 32.84
N PHE A 21 -5.33 1.37 32.29
CA PHE A 21 -5.44 0.05 31.68
C PHE A 21 -4.68 -0.95 32.53
N ARG A 22 -5.42 -1.76 33.28
CA ARG A 22 -4.86 -2.83 34.13
C ARG A 22 -3.91 -2.19 35.13
N ASN A 23 -2.68 -2.66 35.27
CA ASN A 23 -1.73 -2.09 36.23
C ASN A 23 -1.15 -0.76 35.80
N PHE A 24 -1.52 -0.26 34.62
CA PHE A 24 -1.01 1.02 34.12
C PHE A 24 -1.96 2.12 34.57
N GLU A 25 -1.59 2.84 35.63
CA GLU A 25 -2.37 3.99 36.07
C GLU A 25 -2.23 5.12 35.05
N LYS A 26 -1.03 5.69 34.95
CA LYS A 26 -0.72 6.65 33.90
C LYS A 26 0.74 6.46 33.54
N VAL A 27 0.99 6.00 32.31
CA VAL A 27 2.33 5.63 31.86
C VAL A 27 2.56 6.23 30.48
N ASN A 28 3.68 6.93 30.33
CA ASN A 28 4.09 7.52 29.06
C ASN A 28 5.43 6.91 28.67
N ILE A 29 5.50 6.35 27.46
CA ILE A 29 6.69 5.65 26.99
C ILE A 29 7.03 6.17 25.60
N ASN A 30 8.24 6.71 25.44
CA ASN A 30 8.72 7.05 24.11
C ASN A 30 9.04 5.77 23.33
N LEU A 31 9.05 5.90 22.01
CA LEU A 31 9.13 4.73 21.14
C LEU A 31 10.05 5.01 19.97
N ASP A 32 10.31 3.96 19.20
CA ASP A 32 11.02 4.04 17.93
C ASP A 32 10.53 2.89 17.06
N ASN A 33 11.15 2.74 15.89
CA ASN A 33 10.74 1.66 14.99
C ASN A 33 10.98 0.29 15.62
N LYS A 34 12.13 0.11 16.25
CA LYS A 34 12.47 -1.14 16.93
C LYS A 34 12.45 -0.89 18.44
N ASN A 35 11.64 -1.66 19.15
CA ASN A 35 11.47 -1.49 20.59
C ASN A 35 11.66 -2.82 21.30
N VAL A 36 12.38 -2.78 22.43
CA VAL A 36 12.62 -3.95 23.27
C VAL A 36 12.22 -3.60 24.69
N ILE A 37 11.38 -4.42 25.29
CA ILE A 37 10.88 -4.19 26.65
C ILE A 37 11.34 -5.33 27.54
N PHE A 38 11.72 -4.99 28.77
CA PHE A 38 12.27 -5.96 29.72
C PHE A 38 12.12 -5.40 31.11
N GLY A 39 12.28 -6.28 32.10
CA GLY A 39 12.23 -5.85 33.48
C GLY A 39 11.73 -6.98 34.37
N MET A 40 11.59 -6.65 35.65
CA MET A 40 11.13 -7.65 36.62
C MET A 40 9.64 -7.91 36.49
N ASN A 41 8.84 -6.85 36.29
CA ASN A 41 7.39 -6.96 36.24
C ASN A 41 6.96 -7.70 34.97
N ASP A 42 6.78 -9.02 35.09
CA ASP A 42 6.29 -9.78 33.94
C ASP A 42 4.88 -9.39 33.56
N ILE A 43 4.07 -8.95 34.53
CA ILE A 43 2.69 -8.56 34.23
C ILE A 43 2.68 -7.27 33.41
N GLY A 44 3.58 -6.34 33.71
CA GLY A 44 3.62 -5.09 32.97
C GLY A 44 4.04 -5.27 31.52
N LYS A 45 4.98 -6.18 31.27
CA LYS A 45 5.44 -6.41 29.90
C LYS A 45 4.33 -7.03 29.06
N THR A 46 3.60 -8.00 29.61
CA THR A 46 2.52 -8.63 28.87
C THR A 46 1.38 -7.66 28.63
N ASN A 47 1.00 -6.87 29.64
CA ASN A 47 -0.05 -5.88 29.47
C ASN A 47 0.36 -4.79 28.49
N PHE A 48 1.67 -4.51 28.40
CA PHE A 48 2.15 -3.54 27.43
C PHE A 48 1.89 -4.01 26.00
N LEU A 49 2.17 -5.28 25.72
CA LEU A 49 1.92 -5.81 24.39
C LEU A 49 0.43 -5.91 24.10
N TYR A 50 -0.35 -6.31 25.10
CA TYR A 50 -1.80 -6.39 24.92
C TYR A 50 -2.41 -5.01 24.69
N ALA A 51 -1.86 -3.99 25.38
CA ALA A 51 -2.34 -2.63 25.15
C ALA A 51 -2.08 -2.18 23.73
N LEU A 52 -1.01 -2.67 23.11
CA LEU A 52 -0.76 -2.33 21.71
C LEU A 52 -1.68 -3.13 20.79
N ARG A 53 -1.96 -4.39 21.14
CA ARG A 53 -2.85 -5.20 20.32
C ARG A 53 -4.26 -4.62 20.32
N PHE A 54 -4.77 -4.26 21.50
CA PHE A 54 -6.11 -3.68 21.58
C PHE A 54 -6.24 -2.44 20.70
N LEU A 55 -5.16 -1.69 20.53
CA LEU A 55 -5.22 -0.50 19.70
C LEU A 55 -5.16 -0.81 18.21
N LEU A 56 -4.48 -1.90 17.84
CA LEU A 56 -4.12 -2.15 16.45
C LEU A 56 -4.54 -3.51 15.92
N ASP A 57 -4.81 -4.49 16.76
CA ASP A 57 -5.14 -5.85 16.32
C ASP A 57 -6.66 -6.00 16.33
N LYS A 58 -7.24 -6.19 15.14
CA LYS A 58 -8.69 -6.28 15.02
C LYS A 58 -9.24 -7.48 15.80
N GLU A 59 -8.53 -8.61 15.77
CA GLU A 59 -9.04 -9.82 16.39
C GLU A 59 -9.11 -9.69 17.91
N ILE A 60 -8.12 -9.01 18.51
CA ILE A 60 -8.12 -8.85 19.96
C ILE A 60 -8.99 -7.68 20.41
N ARG A 61 -9.32 -6.78 19.49
CA ARG A 61 -10.10 -5.58 19.79
C ARG A 61 -11.60 -5.82 19.77
N LYS A 62 -12.07 -6.81 19.01
CA LYS A 62 -13.51 -7.06 18.92
C LYS A 62 -14.08 -7.58 20.22
N PHE A 63 -13.25 -8.16 21.08
CA PHE A 63 -13.74 -8.73 22.33
C PHE A 63 -14.06 -7.66 23.36
N GLY A 64 -13.57 -6.44 23.18
CA GLY A 64 -13.89 -5.36 24.09
C GLY A 64 -13.20 -5.51 25.43
N PHE A 65 -13.51 -4.57 26.32
CA PHE A 65 -12.91 -4.51 27.64
C PHE A 65 -13.81 -5.18 28.68
N ASN A 66 -13.22 -6.01 29.52
CA ASN A 66 -13.92 -6.57 30.67
C ASN A 66 -13.70 -5.68 31.89
N LYS A 67 -14.37 -6.05 32.99
CA LYS A 67 -14.20 -5.31 34.23
C LYS A 67 -12.76 -5.41 34.73
N SER A 68 -12.09 -6.54 34.47
CA SER A 68 -10.74 -6.74 34.98
C SER A 68 -9.72 -5.86 34.25
N ASP A 69 -9.99 -5.52 33.00
CA ASP A 69 -9.04 -4.71 32.23
C ASP A 69 -8.95 -3.28 32.75
N TYR A 70 -9.98 -2.78 33.44
CA TYR A 70 -9.92 -1.45 34.00
C TYR A 70 -8.97 -1.40 35.18
N HIS A 71 -8.26 -0.29 35.32
CA HIS A 71 -7.25 -0.14 36.37
C HIS A 71 -7.88 -0.25 37.76
N LYS A 72 -7.28 -1.10 38.60
CA LYS A 72 -7.77 -1.39 39.95
C LYS A 72 -9.24 -1.79 39.96
N HIS A 73 -9.71 -2.40 38.87
CA HIS A 73 -11.10 -2.86 38.73
C HIS A 73 -12.10 -1.73 38.99
N ASP A 74 -11.74 -0.51 38.61
CA ASP A 74 -12.61 0.64 38.75
C ASP A 74 -13.18 0.97 37.37
N THR A 75 -14.49 0.77 37.20
CA THR A 75 -15.16 1.02 35.92
C THR A 75 -15.50 2.49 35.71
N SER A 76 -15.42 3.33 36.75
CA SER A 76 -15.66 4.77 36.57
C SER A 76 -14.58 5.40 35.71
N LYS A 77 -13.31 5.15 36.03
CA LYS A 77 -12.21 5.66 35.23
C LYS A 77 -12.22 5.02 33.84
N LYS A 78 -12.00 5.84 32.82
CA LYS A 78 -12.02 5.37 31.45
C LYS A 78 -10.64 4.94 31.01
N ILE A 79 -10.59 3.88 30.19
CA ILE A 79 -9.33 3.40 29.63
C ILE A 79 -9.00 4.21 28.40
N GLU A 80 -7.74 4.65 28.30
CA GLU A 80 -7.31 5.49 27.20
C GLU A 80 -5.92 5.08 26.78
N ILE A 81 -5.76 4.74 25.49
CA ILE A 81 -4.48 4.34 24.93
C ILE A 81 -4.28 5.19 23.67
N ILE A 82 -3.26 6.05 23.68
CA ILE A 82 -2.98 6.97 22.59
C ILE A 82 -1.60 6.67 22.05
N LEU A 83 -1.49 6.59 20.73
CA LEU A 83 -0.21 6.40 20.04
C LEU A 83 0.09 7.66 19.22
N THR A 84 1.16 8.35 19.58
CA THR A 84 1.57 9.57 18.89
C THR A 84 2.52 9.20 17.75
N LEU A 85 2.26 9.75 16.57
CA LEU A 85 3.04 9.45 15.38
C LEU A 85 3.69 10.70 14.82
N ASP A 86 4.82 10.50 14.13
CA ASP A 86 5.59 11.59 13.52
C ASP A 86 5.58 11.38 12.02
N LEU A 87 5.07 12.39 11.28
CA LEU A 87 4.98 12.34 9.83
C LEU A 87 5.88 13.39 9.18
N SER A 88 6.97 13.76 9.86
CA SER A 88 7.86 14.78 9.32
C SER A 88 8.65 14.25 8.13
N ASN A 89 8.99 12.96 8.14
CA ASN A 89 9.85 12.41 7.09
C ASN A 89 9.00 11.92 5.93
N TYR A 90 7.90 12.62 5.66
CA TYR A 90 6.98 12.17 4.63
C TYR A 90 7.61 12.18 3.25
N GLU A 91 8.56 13.08 3.00
CA GLU A 91 9.12 13.22 1.67
C GLU A 91 9.93 12.01 1.25
N LYS A 92 10.54 11.30 2.20
CA LYS A 92 11.42 10.19 1.87
C LYS A 92 11.03 8.88 2.53
N ASP A 93 9.93 8.84 3.27
CA ASP A 93 9.46 7.61 3.91
C ASP A 93 8.24 7.09 3.15
N GLU A 94 8.35 5.86 2.64
CA GLU A 94 7.25 5.26 1.88
C GLU A 94 6.11 4.81 2.79
N ASP A 95 6.44 4.28 3.97
CA ASP A 95 5.39 3.84 4.88
C ASP A 95 4.61 5.01 5.45
N THR A 96 5.22 6.20 5.49
CA THR A 96 4.47 7.39 5.91
C THR A 96 3.36 7.71 4.91
N LYS A 97 3.65 7.59 3.61
CA LYS A 97 2.64 7.82 2.59
C LYS A 97 1.54 6.77 2.64
N LYS A 98 1.82 5.58 3.17
CA LYS A 98 0.77 4.60 3.38
C LYS A 98 -0.31 5.14 4.32
N LEU A 99 0.12 5.70 5.45
CA LEU A 99 -0.84 6.21 6.43
C LEU A 99 -1.59 7.42 5.87
N ILE A 100 -0.91 8.30 5.14
CA ILE A 100 -1.55 9.51 4.61
C ILE A 100 -2.67 9.13 3.66
N SER A 101 -2.48 8.08 2.87
CA SER A 101 -3.46 7.73 1.84
C SER A 101 -4.77 7.26 2.45
N VAL A 102 -4.74 6.72 3.67
CA VAL A 102 -5.96 6.26 4.33
C VAL A 102 -6.55 7.33 5.23
N VAL A 103 -5.71 8.14 5.88
CA VAL A 103 -6.20 9.15 6.80
C VAL A 103 -6.99 10.21 6.05
N LYS A 104 -6.53 10.57 4.85
CA LYS A 104 -7.23 11.49 3.95
C LYS A 104 -7.38 12.86 4.59
N GLY A 105 -8.59 13.28 4.95
CA GLY A 105 -8.80 14.61 5.50
C GLY A 105 -8.78 14.75 7.00
N ALA A 106 -8.52 13.67 7.74
CA ALA A 106 -8.44 13.75 9.19
C ALA A 106 -7.22 14.51 9.68
N ARG A 107 -6.31 14.89 8.78
CA ARG A 107 -5.15 15.70 9.13
C ARG A 107 -5.40 17.17 8.80
N THR A 108 -4.75 18.05 9.55
CA THR A 108 -4.75 19.47 9.27
C THR A 108 -3.34 19.91 8.88
N SER A 109 -3.26 20.93 8.03
CA SER A 109 -1.97 21.36 7.52
C SER A 109 -1.13 22.06 8.58
N ALA A 110 -1.78 22.70 9.56
CA ALA A 110 -1.03 23.39 10.61
C ALA A 110 -0.24 22.42 11.47
N ASN A 111 -0.82 21.25 11.77
CA ASN A 111 -0.16 20.21 12.54
C ASN A 111 0.10 18.98 11.66
N ALA A 112 0.58 19.21 10.43
CA ALA A 112 0.78 18.13 9.47
C ALA A 112 1.89 17.17 9.90
N ASP A 113 2.78 17.60 10.79
CA ASP A 113 3.90 16.74 11.21
C ASP A 113 3.48 15.67 12.20
N VAL A 114 2.34 15.83 12.88
CA VAL A 114 1.94 14.92 13.94
C VAL A 114 0.59 14.32 13.61
N PHE A 115 0.37 13.10 14.09
CA PHE A 115 -0.92 12.43 13.94
C PHE A 115 -1.13 11.52 15.15
N TYR A 116 -2.36 11.52 15.68
CA TYR A 116 -2.69 10.79 16.88
C TYR A 116 -3.60 9.61 16.55
N ILE A 117 -3.41 8.50 17.26
CA ILE A 117 -4.24 7.31 17.15
C ILE A 117 -4.62 6.89 18.57
N ALA A 118 -5.88 7.06 18.94
CA ALA A 118 -6.33 6.91 20.31
C ALA A 118 -7.38 5.82 20.44
N LEU A 119 -7.43 5.23 21.63
CA LEU A 119 -8.42 4.22 21.99
C LEU A 119 -9.10 4.66 23.28
N GLU A 120 -10.41 4.86 23.22
CA GLU A 120 -11.17 5.34 24.37
C GLU A 120 -12.21 4.30 24.74
N SER A 121 -12.44 4.11 26.03
CA SER A 121 -13.38 3.09 26.49
C SER A 121 -14.08 3.58 27.74
N LYS A 122 -15.40 3.59 27.71
CA LYS A 122 -16.23 3.87 28.87
C LYS A 122 -17.12 2.68 29.15
N TYR A 123 -17.27 2.35 30.43
CA TYR A 123 -17.94 1.12 30.84
C TYR A 123 -19.42 1.38 31.14
N ASP A 124 -20.26 0.45 30.72
CA ASP A 124 -21.69 0.46 31.00
C ASP A 124 -22.01 -0.61 32.02
N ASP A 125 -22.70 -0.21 33.10
CA ASP A 125 -23.02 -1.17 34.16
C ASP A 125 -24.06 -2.18 33.70
N LYS A 126 -25.13 -1.70 33.04
CA LYS A 126 -26.19 -2.60 32.60
C LYS A 126 -25.69 -3.54 31.51
N GLU A 127 -24.93 -3.03 30.55
CA GLU A 127 -24.41 -3.86 29.47
C GLU A 127 -23.24 -4.73 29.90
N LEU A 128 -22.75 -4.57 31.13
CA LEU A 128 -21.60 -5.30 31.69
C LEU A 128 -20.42 -5.34 30.73
N TYR A 129 -20.34 -4.39 29.80
CA TYR A 129 -19.39 -4.47 28.70
C TYR A 129 -19.07 -3.07 28.20
N GLY A 130 -17.78 -2.73 28.18
CA GLY A 130 -17.34 -1.48 27.61
C GLY A 130 -16.71 -1.67 26.25
N ASN A 131 -17.30 -1.06 25.22
CA ASN A 131 -16.80 -1.23 23.87
C ASN A 131 -15.57 -0.36 23.63
N ILE A 132 -14.87 -0.67 22.54
CA ILE A 132 -13.64 0.02 22.16
C ILE A 132 -13.95 0.95 21.01
N ILE A 133 -13.79 2.26 21.24
CA ILE A 133 -13.99 3.29 20.23
C ILE A 133 -12.62 3.82 19.82
N LEU A 134 -12.31 3.73 18.54
CA LEU A 134 -11.03 4.18 18.00
C LEU A 134 -11.21 5.54 17.34
N LYS A 135 -10.44 6.53 17.81
CA LYS A 135 -10.44 7.86 17.23
C LYS A 135 -9.03 8.19 16.74
N TRP A 136 -8.96 9.03 15.71
CA TRP A 136 -7.69 9.56 15.24
C TRP A 136 -7.89 10.99 14.75
N GLY A 137 -6.79 11.66 14.47
CA GLY A 137 -6.84 13.03 14.02
C GLY A 137 -5.54 13.75 14.26
N SER A 138 -5.43 14.93 13.66
CA SER A 138 -4.21 15.72 13.78
C SER A 138 -4.13 16.45 15.11
N GLU A 139 -5.27 16.85 15.67
CA GLU A 139 -5.32 17.56 16.94
C GLU A 139 -5.88 16.63 18.02
N LEU A 140 -5.17 16.57 19.15
CA LEU A 140 -5.58 15.68 20.24
C LEU A 140 -6.89 16.12 20.88
N ASP A 141 -7.27 17.39 20.73
CA ASP A 141 -8.49 17.88 21.38
C ASP A 141 -9.74 17.42 20.65
N ASN A 142 -9.74 17.45 19.32
CA ASN A 142 -10.94 17.09 18.56
C ASN A 142 -10.72 15.85 17.70
N LEU A 143 -10.25 14.77 18.32
CA LEU A 143 -10.12 13.51 17.61
C LEU A 143 -11.48 13.04 17.11
N ILE A 144 -11.50 12.44 15.92
CA ILE A 144 -12.72 11.98 15.29
C ILE A 144 -12.67 10.46 15.17
N ASP A 145 -13.86 9.84 15.18
CA ASP A 145 -13.95 8.40 15.10
C ASP A 145 -13.38 7.89 13.79
N ILE A 146 -12.55 6.86 13.88
CA ILE A 146 -11.96 6.24 12.69
C ILE A 146 -13.09 5.61 11.88
N PRO A 147 -13.26 5.98 10.61
CA PRO A 147 -14.38 5.46 9.83
C PRO A 147 -14.30 3.96 9.64
N GLY A 148 -15.44 3.30 9.74
CA GLY A 148 -15.52 1.86 9.55
C GLY A 148 -16.88 1.44 9.07
N ARG A 149 -16.93 0.26 8.48
CA ARG A 149 -18.17 -0.32 7.95
C ARG A 149 -18.18 -1.81 8.31
N GLY A 150 -18.97 -2.16 9.30
CA GLY A 150 -19.09 -3.56 9.72
C GLY A 150 -18.06 -3.90 10.79
N ASN A 151 -17.24 -4.91 10.53
CA ASN A 151 -16.24 -5.36 11.47
C ASN A 151 -14.85 -4.81 11.18
N ILE A 152 -14.71 -3.98 10.16
CA ILE A 152 -13.41 -3.42 9.78
C ILE A 152 -13.53 -1.90 9.75
N ASN A 153 -12.43 -1.23 10.07
CA ASN A 153 -12.35 0.23 10.00
C ASN A 153 -11.12 0.62 9.20
N ALA A 154 -10.94 1.93 9.00
CA ALA A 154 -9.84 2.42 8.19
C ALA A 154 -8.48 2.08 8.81
N LEU A 155 -8.42 1.96 10.13
CA LEU A 155 -7.15 1.65 10.78
C LEU A 155 -6.67 0.24 10.45
N ASP A 156 -7.61 -0.70 10.25
CA ASP A 156 -7.23 -2.06 9.88
C ASP A 156 -6.63 -2.13 8.48
N ASN A 157 -6.85 -1.12 7.65
CA ASN A 157 -6.23 -1.07 6.33
C ASN A 157 -4.83 -0.49 6.37
N VAL A 158 -4.46 0.20 7.44
CA VAL A 158 -3.14 0.81 7.56
C VAL A 158 -2.17 -0.17 8.19
N PHE A 159 -2.51 -0.68 9.37
CA PHE A 159 -1.60 -1.49 10.17
C PHE A 159 -2.06 -2.94 10.19
N LYS A 160 -1.11 -3.85 10.02
CA LYS A 160 -1.32 -5.27 10.20
C LYS A 160 -0.38 -5.75 11.30
N VAL A 161 -0.94 -6.26 12.39
CA VAL A 161 -0.16 -6.68 13.55
C VAL A 161 0.07 -8.18 13.44
N ILE A 162 1.34 -8.58 13.45
CA ILE A 162 1.72 -9.99 13.49
C ILE A 162 2.24 -10.28 14.89
N TYR A 163 1.52 -11.12 15.63
CA TYR A 163 1.92 -11.53 16.96
C TYR A 163 2.54 -12.91 16.88
N ILE A 164 3.82 -13.02 17.25
CA ILE A 164 4.54 -14.27 17.22
C ILE A 164 4.49 -14.87 18.62
N ASN A 165 3.69 -15.92 18.77
CA ASN A 165 3.60 -16.62 20.05
C ASN A 165 4.93 -17.32 20.34
N PRO A 166 5.33 -17.41 21.61
CA PRO A 166 6.55 -18.16 21.93
C PRO A 166 6.50 -19.59 21.42
N LEU A 167 5.39 -20.27 21.61
CA LEU A 167 5.18 -21.63 21.11
C LEU A 167 4.26 -21.56 19.89
N VAL A 168 4.73 -22.11 18.78
CA VAL A 168 3.98 -22.10 17.53
C VAL A 168 4.21 -23.40 16.79
N ASP A 169 3.17 -23.91 16.17
CA ASP A 169 3.29 -25.07 15.28
C ASP A 169 3.48 -24.57 13.86
N LEU A 170 4.53 -25.06 13.20
CA LEU A 170 4.86 -24.57 11.87
C LEU A 170 3.86 -25.05 10.83
N ASP A 171 3.40 -26.31 10.96
CA ASP A 171 2.47 -26.85 9.98
C ASP A 171 1.13 -26.13 9.99
N LYS A 172 0.70 -25.62 11.15
CA LYS A 172 -0.58 -24.93 11.23
C LYS A 172 -0.50 -23.55 10.59
N LEU A 173 0.57 -22.80 10.90
CA LEU A 173 0.73 -21.49 10.29
C LEU A 173 1.01 -21.60 8.79
N PHE A 174 1.65 -22.68 8.36
CA PHE A 174 1.88 -22.90 6.93
C PHE A 174 0.57 -23.11 6.19
N ALA A 175 -0.42 -23.73 6.84
CA ALA A 175 -1.72 -23.92 6.19
C ALA A 175 -2.43 -22.59 5.97
N GLN A 176 -2.09 -21.56 6.75
CA GLN A 176 -2.68 -20.25 6.55
C GLN A 176 -2.04 -19.51 5.37
N ASN A 177 -0.76 -19.77 5.11
CA ASN A 177 -0.01 -19.05 4.09
C ASN A 177 0.09 -19.79 2.77
N LYS A 178 -0.38 -21.04 2.71
CA LYS A 178 -0.22 -21.82 1.48
C LYS A 178 -1.04 -21.25 0.34
N LYS A 179 -2.21 -20.69 0.63
CA LYS A 179 -3.15 -20.33 -0.43
C LYS A 179 -2.61 -19.23 -1.32
N TYR A 180 -2.01 -18.19 -0.73
CA TYR A 180 -1.61 -17.02 -1.50
C TYR A 180 -0.20 -17.13 -2.07
N ILE A 181 0.66 -17.91 -1.43
CA ILE A 181 2.04 -18.06 -1.89
C ILE A 181 2.09 -18.63 -3.30
N ASP A 191 4.18 -25.70 -15.51
CA ASP A 191 3.30 -24.95 -14.63
C ASP A 191 1.87 -25.47 -14.71
N GLU A 192 1.07 -24.82 -15.56
CA GLU A 192 -0.33 -25.24 -15.73
C GLU A 192 -0.41 -26.58 -16.44
N GLY A 193 0.35 -26.74 -17.53
CA GLY A 193 0.42 -28.02 -18.19
C GLY A 193 1.01 -29.11 -17.31
N ILE A 194 1.88 -28.71 -16.38
CA ILE A 194 2.40 -29.66 -15.40
C ILE A 194 1.35 -29.95 -14.34
N LEU A 195 0.64 -28.92 -13.87
CA LEU A 195 -0.41 -29.12 -12.87
C LEU A 195 -1.54 -29.98 -13.42
N ASN A 196 -1.81 -29.89 -14.73
CA ASN A 196 -2.88 -30.69 -15.31
C ASN A 196 -2.54 -32.17 -15.29
N ASN A 197 -1.26 -32.50 -15.47
CA ASN A 197 -0.86 -33.90 -15.41
C ASN A 197 -0.91 -34.42 -13.97
N ILE A 198 -0.58 -33.58 -13.00
CA ILE A 198 -0.70 -33.96 -11.61
C ILE A 198 -2.17 -34.14 -11.23
N LYS A 199 -3.05 -33.33 -11.82
CA LYS A 199 -4.47 -33.40 -11.49
C LYS A 199 -5.10 -34.69 -12.02
N SER A 200 -4.87 -34.99 -13.29
CA SER A 200 -5.40 -36.24 -13.87
C SER A 200 -4.81 -37.45 -13.17
N LEU A 201 -3.52 -37.40 -12.84
CA LEU A 201 -2.89 -38.48 -12.10
C LEU A 201 -3.48 -38.63 -10.71
N THR A 202 -3.93 -37.53 -10.11
CA THR A 202 -4.59 -37.61 -8.80
C THR A 202 -5.88 -38.41 -8.89
N ASP A 203 -6.64 -38.23 -9.98
CA ASP A 203 -7.82 -39.04 -10.21
C ASP A 203 -7.46 -40.48 -10.53
N GLN A 204 -6.26 -40.69 -11.10
CA GLN A 204 -5.80 -42.05 -11.39
C GLN A 204 -5.59 -42.84 -10.10
N VAL A 205 -5.36 -42.15 -8.99
CA VAL A 205 -5.24 -42.82 -7.70
C VAL A 205 -6.56 -43.50 -7.33
N ASN A 206 -7.65 -42.74 -7.39
CA ASN A 206 -8.94 -43.23 -6.92
C ASN A 206 -9.43 -44.43 -7.74
N GLN A 207 -9.17 -44.42 -9.04
CA GLN A 207 -9.59 -45.53 -9.88
C GLN A 207 -8.83 -46.81 -9.50
N GLN A 208 -7.56 -46.67 -9.11
CA GLN A 208 -6.76 -47.84 -8.75
C GLN A 208 -7.02 -48.28 -7.32
N ILE A 209 -7.45 -47.36 -6.45
CA ILE A 209 -7.80 -47.75 -5.09
C ILE A 209 -9.02 -48.67 -5.08
N GLY A 210 -10.05 -48.32 -5.85
CA GLY A 210 -11.26 -49.14 -5.84
C GLY A 210 -11.04 -50.49 -6.48
N GLU A 211 -10.05 -50.59 -7.34
CA GLU A 211 -9.77 -51.82 -8.02
C GLU A 211 -9.17 -52.80 -7.03
N LYS A 216 -12.21 -53.45 -2.46
CA LYS A 216 -13.36 -53.75 -3.30
C LYS A 216 -14.37 -54.60 -2.53
N GLY A 217 -13.86 -55.37 -1.57
CA GLY A 217 -14.74 -56.18 -0.75
C GLY A 217 -15.41 -55.42 0.37
N PHE A 218 -14.83 -54.30 0.78
CA PHE A 218 -15.41 -53.50 1.85
C PHE A 218 -16.50 -52.57 1.36
N GLN A 219 -16.37 -52.06 0.13
CA GLN A 219 -17.33 -51.10 -0.38
C GLN A 219 -18.72 -51.72 -0.57
N GLN A 220 -18.77 -53.03 -0.85
CA GLN A 220 -20.04 -53.70 -1.10
C GLN A 220 -20.69 -54.22 0.18
N GLU A 221 -19.90 -54.60 1.18
CA GLU A 221 -20.46 -55.16 2.41
C GLU A 221 -20.95 -54.07 3.37
N ILE A 222 -20.28 -52.92 3.39
CA ILE A 222 -20.75 -51.84 4.26
C ILE A 222 -22.04 -51.26 3.72
N THR A 223 -22.25 -51.33 2.40
CA THR A 223 -23.51 -50.84 1.83
C THR A 223 -24.66 -51.79 2.16
N SER A 224 -24.42 -53.10 2.08
CA SER A 224 -25.44 -54.07 2.44
C SER A 224 -25.84 -53.91 3.91
N GLU A 225 -24.89 -53.54 4.76
CA GLU A 225 -25.18 -53.26 6.16
C GLU A 225 -25.85 -51.90 6.32
N TYR A 226 -25.41 -50.90 5.55
CA TYR A 226 -26.00 -49.58 5.66
C TYR A 226 -27.41 -49.55 5.07
N ARG A 227 -27.62 -50.23 3.94
CA ARG A 227 -28.92 -50.17 3.27
C ARG A 227 -30.01 -50.83 4.12
N SER A 228 -29.69 -51.95 4.76
CA SER A 228 -30.64 -52.55 5.68
C SER A 228 -30.84 -51.66 6.91
N LEU A 229 -29.80 -50.94 7.33
CA LEU A 229 -29.94 -50.04 8.47
C LEU A 229 -30.76 -48.81 8.10
N LYS A 230 -30.39 -48.15 7.01
CA LYS A 230 -31.01 -46.91 6.56
C LYS A 230 -31.34 -47.01 5.09
N LYS A 231 -32.48 -46.43 4.71
CA LYS A 231 -32.92 -46.43 3.32
C LYS A 231 -31.95 -45.66 2.43
N SER A 235 -24.69 -45.81 -2.51
CA SER A 235 -23.38 -46.42 -2.67
C SER A 235 -22.40 -45.91 -1.62
N ILE A 236 -21.66 -46.83 -1.01
CA ILE A 236 -20.73 -46.50 0.07
C ILE A 236 -19.33 -46.90 -0.36
N GLU A 237 -18.70 -46.07 -1.19
CA GLU A 237 -17.40 -46.41 -1.76
C GLU A 237 -16.25 -45.97 -0.86
N LEU A 238 -16.31 -44.74 -0.34
CA LEU A 238 -15.37 -44.25 0.65
C LEU A 238 -13.94 -44.27 0.12
N LYS A 239 -13.55 -43.24 -0.62
CA LYS A 239 -12.24 -43.21 -1.26
C LYS A 239 -11.13 -42.80 -0.30
N SER A 240 -10.52 -41.63 -0.55
CA SER A 240 -9.36 -41.21 0.22
C SER A 240 -9.19 -39.69 0.10
N GLU A 241 -8.81 -39.06 1.20
CA GLU A 241 -8.65 -37.61 1.23
C GLU A 241 -7.50 -37.19 0.29
N MET A 242 -7.38 -35.87 0.12
CA MET A 242 -6.41 -35.22 -0.76
C MET A 242 -6.79 -35.43 -2.23
N ALA A 243 -7.09 -36.67 -2.62
CA ALA A 243 -7.47 -36.94 -3.99
C ALA A 243 -8.78 -36.27 -4.39
N ILE A 244 -9.60 -35.87 -3.41
CA ILE A 244 -10.85 -35.19 -3.72
C ILE A 244 -10.60 -33.73 -4.01
N LYS A 245 -9.78 -33.06 -3.20
CA LYS A 245 -9.54 -31.64 -3.31
C LYS A 245 -8.24 -31.30 -4.02
N GLY A 246 -7.45 -32.30 -4.41
CA GLY A 246 -6.20 -32.07 -5.08
C GLY A 246 -5.01 -32.12 -4.14
N PHE A 247 -3.82 -32.05 -4.74
CA PHE A 247 -2.59 -32.12 -3.97
C PHE A 247 -2.36 -30.85 -3.15
N PHE A 248 -3.02 -29.75 -3.48
CA PHE A 248 -2.67 -28.49 -2.83
C PHE A 248 -3.29 -28.39 -1.44
N SER A 249 -4.25 -29.26 -1.11
CA SER A 249 -4.92 -29.19 0.18
C SER A 249 -3.93 -29.37 1.32
N ASP A 250 -3.06 -30.38 1.22
CA ASP A 250 -2.02 -30.62 2.22
C ASP A 250 -0.67 -30.67 1.52
N ILE A 251 0.21 -29.74 1.89
CA ILE A 251 1.55 -29.67 1.28
C ILE A 251 2.57 -29.36 2.36
N ILE A 252 2.51 -30.08 3.47
CA ILE A 252 3.30 -29.76 4.66
C ILE A 252 4.78 -29.89 4.35
N PRO A 253 5.65 -29.14 5.02
CA PRO A 253 7.05 -29.07 4.60
C PRO A 253 7.89 -30.22 5.17
N TYR A 254 9.04 -30.42 4.52
CA TYR A 254 10.03 -31.42 4.95
C TYR A 254 11.41 -30.89 4.62
N ILE A 255 12.30 -30.92 5.60
CA ILE A 255 13.64 -30.34 5.46
C ILE A 255 14.64 -31.42 5.08
N LYS A 256 15.71 -31.01 4.39
CA LYS A 256 16.80 -31.91 4.06
C LYS A 256 18.14 -31.20 4.14
N ASP A 269 12.31 -29.89 16.97
CA ASP A 269 11.40 -28.99 17.66
C ASP A 269 11.99 -27.58 17.72
N GLY A 270 13.24 -27.49 18.15
CA GLY A 270 13.90 -26.20 18.22
C GLY A 270 14.32 -25.68 16.86
N ARG A 271 14.63 -26.58 15.94
CA ARG A 271 15.03 -26.23 14.59
C ARG A 271 13.86 -25.74 13.75
N ARG A 272 12.69 -26.37 13.88
CA ARG A 272 11.52 -25.96 13.12
C ARG A 272 10.98 -24.61 13.58
N LYS A 273 11.32 -24.18 14.80
CA LYS A 273 10.88 -22.87 15.27
C LYS A 273 11.52 -21.76 14.44
N MET A 274 12.79 -21.93 14.05
CA MET A 274 13.45 -20.91 13.24
C MET A 274 12.92 -20.91 11.81
N LEU A 275 12.47 -22.07 11.31
CA LEU A 275 11.88 -22.10 9.98
C LEU A 275 10.53 -21.39 9.94
N SER A 276 9.83 -21.33 11.09
CA SER A 276 8.60 -20.56 11.15
C SER A 276 8.88 -19.07 11.02
N TYR A 277 9.97 -18.59 11.63
CA TYR A 277 10.41 -17.22 11.39
C TYR A 277 10.82 -17.04 9.94
N SER A 278 11.50 -18.05 9.36
CA SER A 278 11.89 -17.98 7.95
C SER A 278 10.67 -17.83 7.05
N ILE A 279 9.55 -18.44 7.42
CA ILE A 279 8.32 -18.27 6.65
C ILE A 279 7.77 -16.86 6.84
N TYR A 280 7.84 -16.34 8.07
CA TYR A 280 7.24 -15.05 8.38
C TYR A 280 7.87 -13.92 7.59
N ASN A 281 9.19 -13.96 7.42
CA ASN A 281 9.89 -12.92 6.68
C ASN A 281 9.45 -12.89 5.22
N TYR A 282 9.38 -14.07 4.60
CA TYR A 282 8.99 -14.14 3.19
C TYR A 282 7.50 -13.90 3.01
N LEU A 283 6.69 -14.41 3.94
CA LEU A 283 5.24 -14.29 3.81
C LEU A 283 4.80 -12.84 3.97
N ALA A 284 5.25 -12.18 5.04
CA ALA A 284 4.68 -10.88 5.39
C ALA A 284 5.00 -9.82 4.34
N LYS A 285 6.17 -9.89 3.73
CA LYS A 285 6.55 -8.87 2.75
C LYS A 285 5.69 -8.97 1.49
N LYS A 286 5.42 -10.19 1.03
CA LYS A 286 4.58 -10.38 -0.14
C LYS A 286 3.11 -10.20 0.18
N LYS A 287 2.67 -10.65 1.36
CA LYS A 287 1.25 -10.58 1.68
C LYS A 287 0.83 -9.18 2.09
N TYR A 288 1.67 -8.49 2.86
CA TYR A 288 1.33 -7.19 3.43
C TYR A 288 2.30 -6.11 2.96
N GLU A 289 2.59 -6.10 1.66
CA GLU A 289 3.44 -5.07 1.10
C GLU A 289 2.73 -3.72 1.06
N ASP A 290 1.40 -3.73 1.04
CA ASP A 290 0.65 -2.49 0.85
C ASP A 290 0.34 -1.78 2.15
N LYS A 291 0.66 -2.40 3.28
CA LYS A 291 0.34 -1.86 4.58
C LYS A 291 1.54 -1.99 5.51
N ILE A 292 1.48 -1.29 6.63
CA ILE A 292 2.57 -1.26 7.60
C ILE A 292 2.42 -2.44 8.55
N VAL A 293 3.41 -3.31 8.58
CA VAL A 293 3.38 -4.51 9.41
C VAL A 293 4.15 -4.23 10.70
N ILE A 294 3.55 -4.59 11.83
CA ILE A 294 4.15 -4.41 13.14
C ILE A 294 4.24 -5.77 13.82
N TYR A 295 5.44 -6.16 14.22
CA TYR A 295 5.64 -7.45 14.87
C TYR A 295 5.58 -7.28 16.38
N LEU A 296 4.87 -8.19 17.04
CA LEU A 296 4.84 -8.28 18.50
C LEU A 296 5.39 -9.64 18.89
N ILE A 297 6.65 -9.67 19.31
CA ILE A 297 7.36 -10.90 19.63
C ILE A 297 7.52 -10.94 21.16
N GLU A 298 6.87 -11.92 21.79
CA GLU A 298 6.91 -12.07 23.24
C GLU A 298 7.75 -13.29 23.59
N GLU A 299 8.78 -13.08 24.42
CA GLU A 299 9.60 -14.18 24.92
C GLU A 299 10.04 -15.19 23.84
N PRO A 300 10.68 -14.73 22.78
CA PRO A 300 11.08 -15.69 21.73
C PRO A 300 12.21 -16.62 22.13
N GLU A 301 12.91 -16.34 23.23
CA GLU A 301 13.97 -17.22 23.69
C GLU A 301 13.43 -18.52 24.29
N ILE A 302 12.11 -18.62 24.47
CA ILE A 302 11.53 -19.83 25.06
C ILE A 302 11.76 -21.01 24.12
N SER A 303 12.29 -22.10 24.68
CA SER A 303 12.55 -23.32 23.92
C SER A 303 13.46 -23.07 22.72
N LEU A 304 14.44 -22.17 22.91
CA LEU A 304 15.37 -21.80 21.84
C LEU A 304 16.79 -21.85 22.38
N HIS A 305 17.69 -22.45 21.61
CA HIS A 305 19.08 -22.55 22.03
C HIS A 305 19.73 -21.16 22.04
N ARG A 306 20.77 -21.02 22.87
CA ARG A 306 21.46 -19.75 22.99
C ARG A 306 22.03 -19.30 21.64
N SER A 307 22.55 -20.24 20.85
CA SER A 307 23.11 -19.88 19.55
C SER A 307 22.03 -19.34 18.63
N MET A 308 20.83 -19.93 18.66
CA MET A 308 19.77 -19.43 17.79
C MET A 308 19.24 -18.08 18.26
N GLN A 309 19.31 -17.80 19.57
CA GLN A 309 18.90 -16.49 20.06
C GLN A 309 19.77 -15.39 19.48
N ILE A 310 21.08 -15.63 19.36
CA ILE A 310 21.97 -14.67 18.72
C ILE A 310 21.65 -14.56 17.24
N ALA A 311 21.31 -15.69 16.60
CA ALA A 311 20.91 -15.65 15.20
C ALA A 311 19.65 -14.80 15.02
N LEU A 312 18.67 -14.97 15.91
CA LEU A 312 17.46 -14.15 15.83
C LEU A 312 17.76 -12.68 16.12
N SER A 313 18.66 -12.43 17.07
CA SER A 313 19.00 -11.04 17.41
C SER A 313 19.66 -10.35 16.23
N LYS A 314 20.52 -11.06 15.51
CA LYS A 314 21.13 -10.47 14.31
C LYS A 314 20.07 -10.14 13.27
N GLN A 315 19.04 -10.99 13.15
CA GLN A 315 18.02 -10.74 12.15
C GLN A 315 17.09 -9.59 12.56
N LEU A 316 16.93 -9.35 13.87
CA LEU A 316 16.05 -8.29 14.32
C LEU A 316 16.68 -6.92 14.13
N PHE A 317 17.98 -6.79 14.40
CA PHE A 317 18.65 -5.49 14.40
C PHE A 317 19.48 -5.26 13.15
N GLU A 318 20.43 -6.15 12.86
CA GLU A 318 21.30 -5.95 11.70
C GLU A 318 20.52 -6.01 10.40
N GLN A 319 19.64 -7.00 10.27
CA GLN A 319 18.85 -7.14 9.05
C GLN A 319 17.68 -6.17 9.06
N SER A 320 17.35 -5.66 7.87
CA SER A 320 16.21 -4.77 7.70
C SER A 320 14.91 -5.53 7.44
N THR A 321 14.86 -6.81 7.80
CA THR A 321 13.66 -7.60 7.57
C THR A 321 12.52 -7.19 8.50
N TYR A 322 12.85 -6.83 9.75
CA TYR A 322 11.85 -6.46 10.75
C TYR A 322 11.95 -4.95 10.97
N LYS A 323 11.26 -4.19 10.11
CA LYS A 323 11.29 -2.74 10.22
C LYS A 323 10.72 -2.27 11.55
N TYR A 324 9.51 -2.71 11.89
CA TYR A 324 8.82 -2.29 13.09
C TYR A 324 8.47 -3.52 13.93
N PHE A 325 8.94 -3.57 15.16
CA PHE A 325 8.57 -4.65 16.06
C PHE A 325 8.63 -4.17 17.50
N PHE A 326 7.97 -4.92 18.38
CA PHE A 326 8.06 -4.75 19.82
C PHE A 326 8.46 -6.09 20.41
N LEU A 327 9.55 -6.10 21.17
CA LEU A 327 10.14 -7.33 21.67
C LEU A 327 10.13 -7.35 23.19
N SER A 328 9.59 -8.42 23.76
CA SER A 328 9.64 -8.68 25.19
C SER A 328 10.56 -9.89 25.41
N THR A 329 11.63 -9.69 26.17
CA THR A 329 12.62 -10.74 26.32
C THR A 329 13.22 -10.71 27.73
N HIS A 330 13.54 -11.89 28.24
CA HIS A 330 14.33 -12.05 29.45
C HIS A 330 15.76 -12.50 29.16
N SER A 331 16.14 -12.62 27.90
CA SER A 331 17.41 -13.23 27.52
C SER A 331 18.44 -12.17 27.20
N PRO A 332 19.59 -12.15 27.88
CA PRO A 332 20.64 -11.19 27.47
C PRO A 332 21.23 -11.52 26.11
N GLU A 333 21.34 -12.81 25.77
CA GLU A 333 21.91 -13.21 24.48
C GLU A 333 21.07 -12.75 23.31
N LEU A 334 19.80 -12.42 23.55
CA LEU A 334 18.93 -11.89 22.50
C LEU A 334 19.20 -10.43 22.17
N LEU A 335 20.12 -9.79 22.89
CA LEU A 335 20.49 -8.41 22.61
C LEU A 335 21.96 -8.27 22.24
N TYR A 336 22.60 -9.37 21.82
CA TYR A 336 24.02 -9.31 21.47
C TYR A 336 24.26 -8.42 20.25
N GLU A 337 23.31 -8.39 19.32
CA GLU A 337 23.44 -7.62 18.09
C GLU A 337 22.59 -6.35 18.10
N MET A 338 22.17 -5.90 19.28
CA MET A 338 21.26 -4.76 19.36
C MET A 338 21.94 -3.48 18.89
N ASP A 339 21.20 -2.66 18.15
CA ASP A 339 21.66 -1.37 17.66
C ASP A 339 20.48 -0.63 17.05
N ASN A 340 20.46 0.69 17.24
CA ASN A 340 19.42 1.56 16.67
C ASN A 340 18.03 1.14 17.13
N THR A 341 17.92 0.79 18.42
CA THR A 341 16.66 0.37 19.01
C THR A 341 16.40 1.18 20.27
N ARG A 342 15.15 1.15 20.71
CA ARG A 342 14.76 1.77 21.97
C ARG A 342 14.58 0.68 23.03
N LEU A 343 15.24 0.87 24.17
CA LEU A 343 15.17 -0.07 25.28
C LEU A 343 14.20 0.46 26.32
N ILE A 344 13.15 -0.31 26.60
CA ILE A 344 12.13 0.06 27.58
C ILE A 344 12.27 -0.87 28.76
N ARG A 345 12.45 -0.31 29.95
CA ARG A 345 12.63 -1.09 31.16
C ARG A 345 11.47 -0.85 32.10
N VAL A 346 10.73 -1.90 32.42
CA VAL A 346 9.63 -1.84 33.38
C VAL A 346 10.20 -2.05 34.77
N HIS A 347 9.94 -1.11 35.66
CA HIS A 347 10.52 -1.17 37.00
C HIS A 347 9.86 -2.28 37.83
N SER A 348 10.58 -2.74 38.84
CA SER A 348 10.10 -3.80 39.72
C SER A 348 8.97 -3.35 40.62
N THR A 349 8.73 -2.05 40.74
CA THR A 349 7.68 -1.55 41.63
C THR A 349 6.30 -1.91 41.11
N GLU A 350 5.32 -1.86 42.02
CA GLU A 350 3.92 -2.12 41.69
C GLU A 350 3.27 -0.97 40.93
N LYS A 351 3.84 0.23 40.99
CA LYS A 351 3.30 1.37 40.26
C LYS A 351 3.51 1.25 38.75
N VAL A 352 4.29 0.27 38.30
CA VAL A 352 4.58 0.05 36.88
C VAL A 352 5.14 1.33 36.27
N VAL A 353 6.32 1.73 36.73
CA VAL A 353 7.02 2.86 36.14
C VAL A 353 7.86 2.36 34.98
N CYS A 354 7.88 3.12 33.88
CA CYS A 354 8.58 2.74 32.67
C CYS A 354 9.65 3.77 32.34
N SER A 355 10.87 3.29 32.08
CA SER A 355 11.98 4.13 31.65
C SER A 355 12.44 3.63 30.29
N SER A 356 12.57 4.55 29.33
CA SER A 356 12.92 4.22 27.96
C SER A 356 14.22 4.91 27.59
N HIS A 357 15.05 4.21 26.79
CA HIS A 357 16.31 4.74 26.31
C HIS A 357 16.48 4.38 24.85
N MET A 358 16.83 5.37 24.04
CA MET A 358 17.13 5.14 22.62
C MET A 358 18.59 4.69 22.52
N TYR A 359 18.79 3.38 22.42
CA TYR A 359 20.13 2.82 22.37
C TYR A 359 20.68 2.91 20.95
N ASN A 360 21.81 3.58 20.79
CA ASN A 360 22.45 3.74 19.49
C ASN A 360 23.95 3.69 19.67
N VAL A 361 24.61 2.83 18.90
CA VAL A 361 26.07 2.70 18.95
C VAL A 361 26.68 3.68 17.96
N GLU A 362 27.58 4.53 18.46
CA GLU A 362 28.22 5.52 17.62
C GLU A 362 29.24 4.87 16.69
N GLU A 363 29.62 5.60 15.64
CA GLU A 363 30.57 5.07 14.68
C GLU A 363 31.95 4.88 15.30
N ALA A 364 32.30 5.70 16.29
CA ALA A 364 33.59 5.56 16.96
C ALA A 364 33.69 4.24 17.72
N TYR A 365 32.58 3.76 18.29
CA TYR A 365 32.56 2.50 19.02
C TYR A 365 32.31 1.30 18.11
N GLY A 366 32.23 1.51 16.80
CA GLY A 366 31.86 0.42 15.89
C GLY A 366 32.88 -0.71 15.84
N SER A 367 34.16 -0.40 16.05
CA SER A 367 35.19 -1.43 15.98
C SER A 367 35.18 -2.35 17.20
N VAL A 368 34.49 -1.97 18.26
CA VAL A 368 34.37 -2.79 19.45
C VAL A 368 32.91 -2.93 19.83
N LYS A 369 32.02 -2.82 18.85
CA LYS A 369 30.58 -2.83 19.12
C LYS A 369 30.13 -4.19 19.64
N LYS A 370 30.61 -5.28 19.03
CA LYS A 370 30.16 -6.60 19.43
C LYS A 370 30.68 -6.96 20.81
N LYS A 371 31.93 -6.60 21.13
CA LYS A 371 32.44 -6.82 22.48
C LYS A 371 31.66 -6.01 23.50
N LEU A 372 31.29 -4.78 23.14
CA LEU A 372 30.60 -3.90 24.09
C LEU A 372 29.17 -4.35 24.35
N ASN A 373 28.48 -4.84 23.31
CA ASN A 373 27.09 -5.23 23.48
C ASN A 373 26.95 -6.47 24.35
N LYS A 374 27.82 -7.47 24.16
CA LYS A 374 27.69 -8.70 24.94
C LYS A 374 27.92 -8.45 26.43
N ALA A 375 28.75 -7.47 26.77
CA ALA A 375 28.95 -7.15 28.18
C ALA A 375 27.79 -6.35 28.74
N LEU A 376 27.23 -5.44 27.94
CA LEU A 376 26.15 -4.58 28.41
C LEU A 376 24.80 -5.28 28.39
N SER A 377 24.63 -6.29 27.54
CA SER A 377 23.34 -6.97 27.43
C SER A 377 22.90 -7.57 28.75
N SER A 378 23.81 -8.24 29.46
CA SER A 378 23.45 -8.83 30.74
C SER A 378 23.29 -7.79 31.85
N ALA A 379 23.84 -6.59 31.66
CA ALA A 379 23.73 -5.55 32.68
C ALA A 379 22.39 -4.84 32.66
N LEU A 380 21.66 -4.90 31.54
CA LEU A 380 20.36 -4.24 31.46
C LEU A 380 19.35 -4.86 32.41
N PHE A 381 19.47 -6.16 32.69
CA PHE A 381 18.51 -6.85 33.55
C PHE A 381 18.83 -6.71 35.03
N ALA A 382 20.00 -6.17 35.37
CA ALA A 382 20.36 -5.99 36.77
C ALA A 382 19.76 -4.70 37.32
N GLU A 383 19.90 -4.52 38.64
CA GLU A 383 19.39 -3.32 39.30
C GLU A 383 20.49 -2.35 39.69
N ARG A 384 21.67 -2.84 40.03
CA ARG A 384 22.83 -2.01 40.34
C ARG A 384 24.04 -2.58 39.63
N VAL A 385 24.68 -1.76 38.80
CA VAL A 385 25.81 -2.17 37.97
C VAL A 385 27.05 -1.43 38.45
N LEU A 386 28.11 -2.19 38.73
CA LEU A 386 29.39 -1.63 39.14
C LEU A 386 30.36 -1.72 37.96
N LEU A 387 30.76 -0.58 37.42
CA LEU A 387 31.66 -0.52 36.29
C LEU A 387 33.09 -0.71 36.79
N ILE A 388 33.71 -1.84 36.44
CA ILE A 388 35.10 -2.10 36.76
C ILE A 388 35.90 -2.09 35.47
N GLU A 389 37.22 -2.03 35.61
CA GLU A 389 38.08 -1.90 34.43
C GLU A 389 38.34 -3.25 33.78
N GLY A 390 39.02 -4.15 34.50
CA GLY A 390 39.46 -5.39 33.90
C GLY A 390 39.08 -6.62 34.70
N PRO A 391 39.60 -7.77 34.27
CA PRO A 391 39.24 -9.03 34.96
C PRO A 391 39.91 -9.18 36.32
N SER A 392 41.09 -8.58 36.53
CA SER A 392 41.72 -8.67 37.85
C SER A 392 40.85 -8.05 38.92
N GLU A 393 40.12 -6.99 38.58
CA GLU A 393 39.15 -6.42 39.52
C GLU A 393 37.97 -7.36 39.72
N LYS A 394 37.55 -8.05 38.67
CA LYS A 394 36.43 -8.99 38.79
C LYS A 394 36.82 -10.20 39.63
N ILE A 395 38.05 -10.69 39.47
CA ILE A 395 38.51 -11.83 40.27
C ILE A 395 38.52 -11.47 41.75
N LEU A 396 39.01 -10.27 42.08
CA LEU A 396 39.05 -9.82 43.47
C LEU A 396 37.64 -9.58 44.01
N PHE A 397 36.82 -8.86 43.24
CA PHE A 397 35.49 -8.49 43.74
C PHE A 397 34.59 -9.71 43.88
N GLU A 398 34.74 -10.69 42.99
CA GLU A 398 33.92 -11.90 43.08
C GLU A 398 34.24 -12.66 44.37
N LYS A 399 35.51 -12.73 44.74
CA LYS A 399 35.90 -13.41 45.98
C LYS A 399 35.45 -12.61 47.20
N VAL A 400 35.66 -11.29 47.18
CA VAL A 400 35.30 -10.46 48.33
C VAL A 400 33.79 -10.46 48.53
N LEU A 401 33.04 -10.28 47.45
CA LEU A 401 31.59 -10.28 47.56
C LEU A 401 31.07 -11.65 48.01
N ASP A 402 31.72 -12.73 47.56
CA ASP A 402 31.28 -14.06 47.96
C ASP A 402 31.27 -14.23 49.47
N GLU A 403 32.34 -13.77 50.13
CA GLU A 403 32.40 -13.92 51.58
C GLU A 403 31.47 -12.94 52.29
N VAL A 404 31.32 -11.72 51.76
CA VAL A 404 30.57 -10.69 52.43
C VAL A 404 29.07 -10.80 52.11
N GLU A 405 28.75 -10.93 50.82
CA GLU A 405 27.35 -10.99 50.39
C GLU A 405 27.26 -11.81 49.11
N PRO A 406 27.16 -13.15 49.23
CA PRO A 406 27.16 -13.97 48.00
C PRO A 406 25.88 -13.85 47.19
N GLU A 407 24.79 -13.36 47.78
CA GLU A 407 23.52 -13.18 47.10
C GLU A 407 23.39 -11.80 46.46
N TYR A 408 24.50 -11.19 46.05
CA TYR A 408 24.44 -9.82 45.53
C TYR A 408 23.83 -9.77 44.14
N GLU A 409 24.01 -10.82 43.33
CA GLU A 409 23.39 -10.85 42.01
C GLU A 409 21.91 -11.19 42.09
N LEU A 410 21.51 -11.98 43.10
CA LEU A 410 20.10 -12.30 43.28
C LEU A 410 19.29 -11.04 43.55
N ASN A 411 19.87 -10.08 44.26
CA ASN A 411 19.19 -8.83 44.61
C ASN A 411 19.35 -7.76 43.54
N GLY A 412 19.97 -8.07 42.41
CA GLY A 412 20.08 -7.14 41.31
C GLY A 412 21.47 -6.57 41.05
N GLY A 413 22.50 -7.03 41.77
CA GLY A 413 23.84 -6.54 41.52
C GLY A 413 24.49 -7.21 40.33
N PHE A 414 25.45 -6.50 39.74
CA PHE A 414 26.14 -7.00 38.56
C PHE A 414 27.48 -6.28 38.40
N LEU A 415 28.51 -7.05 38.05
CA LEU A 415 29.85 -6.52 37.81
C LEU A 415 30.08 -6.44 36.31
N LEU A 416 30.14 -5.22 35.78
CA LEU A 416 30.36 -4.97 34.36
C LEU A 416 31.74 -4.38 34.18
N GLU A 417 32.58 -5.09 33.43
CA GLU A 417 33.96 -4.67 33.18
C GLU A 417 34.03 -3.92 31.85
N VAL A 418 34.68 -2.76 31.87
CA VAL A 418 34.82 -1.91 30.70
C VAL A 418 36.30 -1.66 30.47
N GLY A 419 36.79 -2.05 29.30
CA GLY A 419 38.21 -1.94 29.03
C GLY A 419 38.54 -1.17 27.77
N GLY A 420 39.35 -0.12 27.90
CA GLY A 420 39.79 0.67 26.77
C GLY A 420 38.86 1.78 26.35
N THR A 421 37.55 1.59 26.52
CA THR A 421 36.57 2.57 26.11
C THR A 421 36.22 3.50 27.27
N TYR A 422 35.64 4.64 26.92
CA TYR A 422 35.13 5.56 27.93
C TYR A 422 33.84 5.00 28.55
N PHE A 423 33.46 5.58 29.69
CA PHE A 423 32.29 5.12 30.42
C PHE A 423 30.99 5.72 29.91
N ASN A 424 31.04 6.69 28.99
CA ASN A 424 29.84 7.45 28.67
C ASN A 424 28.76 6.56 28.05
N HIS A 425 29.14 5.64 27.17
CA HIS A 425 28.14 4.81 26.50
C HIS A 425 27.41 3.91 27.50
N TYR A 426 28.15 3.33 28.45
CA TYR A 426 27.53 2.46 29.43
C TYR A 426 26.68 3.25 30.42
N VAL A 427 27.16 4.41 30.86
CA VAL A 427 26.44 5.17 31.89
C VAL A 427 25.15 5.76 31.33
N CYS A 428 25.19 6.27 30.10
CA CYS A 428 23.99 6.88 29.52
C CYS A 428 22.87 5.87 29.36
N THR A 429 23.18 4.66 28.91
CA THR A 429 22.17 3.62 28.76
C THR A 429 21.59 3.23 30.11
N LEU A 430 22.46 2.98 31.09
CA LEU A 430 21.98 2.55 32.41
C LEU A 430 21.24 3.68 33.14
N ASN A 431 21.67 4.93 32.94
CA ASN A 431 21.03 6.03 33.65
C ASN A 431 19.61 6.26 33.16
N ASP A 432 19.40 6.23 31.84
CA ASP A 432 18.07 6.47 31.30
C ASP A 432 17.10 5.37 31.73
N LEU A 433 17.60 4.14 31.86
CA LEU A 433 16.76 3.01 32.26
C LEU A 433 16.52 2.95 33.77
N GLY A 434 16.98 3.95 34.52
CA GLY A 434 16.77 3.95 35.95
C GLY A 434 17.59 2.94 36.71
N ILE A 435 18.72 2.51 36.16
CA ILE A 435 19.59 1.51 36.79
C ILE A 435 20.71 2.25 37.50
N THR A 436 20.90 1.93 38.78
CA THR A 436 21.96 2.55 39.57
C THR A 436 23.32 2.12 39.05
N HIS A 437 24.16 3.07 38.67
CA HIS A 437 25.47 2.79 38.10
C HIS A 437 26.56 3.28 39.04
N ILE A 438 27.57 2.45 39.25
CA ILE A 438 28.70 2.75 40.11
C ILE A 438 29.98 2.53 39.32
N ILE A 439 30.94 3.43 39.48
CA ILE A 439 32.17 3.41 38.71
C ILE A 439 33.36 3.41 39.66
N LYS A 440 34.29 2.48 39.44
CA LYS A 440 35.53 2.39 40.21
C LYS A 440 36.67 2.20 39.23
N THR A 441 37.52 3.23 39.10
CA THR A 441 38.60 3.21 38.12
C THR A 441 39.89 3.70 38.78
N ASP A 442 41.01 3.33 38.16
CA ASP A 442 42.31 3.75 38.65
C ASP A 442 42.70 5.09 38.04
N ASN A 443 43.46 5.87 38.80
CA ASN A 443 44.04 7.11 38.30
C ASN A 443 45.26 6.77 37.45
N ASP A 444 45.11 6.90 36.13
CA ASP A 444 46.13 6.45 35.20
C ASP A 444 46.67 7.60 34.37
N LEU A 445 47.88 7.40 33.86
CA LEU A 445 48.55 8.34 32.97
C LEU A 445 48.98 7.59 31.72
N LYS A 446 48.64 8.14 30.55
CA LYS A 446 48.94 7.50 29.28
C LYS A 446 49.92 8.35 28.48
N SER A 447 50.99 7.73 27.99
CA SER A 447 51.99 8.43 27.19
C SER A 447 51.49 8.65 25.78
N LYS A 448 51.51 9.91 25.33
CA LYS A 448 51.14 10.24 23.96
C LYS A 448 52.16 9.67 22.98
N LYS A 449 51.66 9.14 21.87
CA LYS A 449 52.54 8.58 20.86
C LYS A 449 53.28 9.68 20.11
N GLY A 450 54.50 9.36 19.69
CA GLY A 450 55.34 10.29 18.96
C GLY A 450 56.07 11.32 19.81
N LYS A 451 55.82 11.37 21.12
CA LYS A 451 56.47 12.32 21.99
C LYS A 451 56.70 11.67 23.35
N LYS A 452 57.89 11.89 23.91
CA LYS A 452 58.26 11.34 25.20
C LYS A 452 58.18 12.41 26.27
N GLY A 453 57.89 11.97 27.50
CA GLY A 453 57.71 12.87 28.62
C GLY A 453 56.32 13.44 28.77
N VAL A 454 55.43 13.20 27.80
CA VAL A 454 54.06 13.69 27.85
C VAL A 454 53.15 12.55 28.29
N TYR A 455 52.29 12.83 29.27
CA TYR A 455 51.35 11.85 29.81
C TYR A 455 49.97 12.48 29.90
N GLU A 456 48.98 11.79 29.35
CA GLU A 456 47.58 12.22 29.42
C GLU A 456 46.95 11.74 30.72
N LEU A 457 46.10 12.60 31.30
CA LEU A 457 45.41 12.30 32.56
C LEU A 457 44.18 11.45 32.28
N LEU A 458 44.44 10.22 31.83
CA LEU A 458 43.36 9.35 31.36
C LEU A 458 42.37 9.00 32.46
N GLY A 459 42.87 8.81 33.69
CA GLY A 459 41.98 8.45 34.79
C GLY A 459 41.00 9.55 35.13
N LEU A 460 41.45 10.81 35.11
CA LEU A 460 40.57 11.92 35.43
C LEU A 460 39.63 12.26 34.28
N ASN A 461 40.09 12.11 33.04
CA ASN A 461 39.28 12.54 31.90
C ASN A 461 38.00 11.73 31.78
N ARG A 462 38.09 10.42 32.04
CA ARG A 462 36.90 9.58 31.96
C ARG A 462 35.89 9.94 33.05
N CYS A 463 36.37 10.23 34.26
CA CYS A 463 35.45 10.66 35.32
C CYS A 463 34.91 12.06 35.02
N LEU A 464 35.72 12.93 34.39
CA LEU A 464 35.21 14.24 34.00
C LEU A 464 34.23 14.14 32.83
N ASN A 465 34.40 13.13 31.97
CA ASN A 465 33.50 12.97 30.84
C ASN A 465 32.09 12.60 31.29
N LEU A 466 31.98 11.82 32.38
CA LEU A 466 30.66 11.49 32.90
C LEU A 466 29.95 12.73 33.46
N LEU A 467 30.70 13.68 33.99
CA LEU A 467 30.13 14.92 34.50
C LEU A 467 29.90 15.96 33.41
N GLY A 468 30.26 15.67 32.17
CA GLY A 468 30.05 16.60 31.08
C GLY A 468 31.17 17.60 30.85
N ARG A 469 32.12 17.70 31.78
CA ARG A 469 33.26 18.59 31.59
C ARG A 469 34.13 18.13 30.43
N GLU A 470 34.94 19.05 29.93
CA GLU A 470 35.81 18.77 28.81
C GLU A 470 37.10 18.09 29.29
N ASN A 471 37.79 17.44 28.34
CA ASN A 471 39.04 16.76 28.65
C ASN A 471 40.07 17.76 29.15
N LEU A 472 40.82 17.35 30.18
CA LEU A 472 41.87 18.20 30.72
C LEU A 472 43.07 18.27 29.78
N ASP A 473 43.82 19.36 29.88
CA ASP A 473 45.05 19.50 29.11
C ASP A 473 46.07 18.46 29.55
N GLU A 474 46.74 17.85 28.57
CA GLU A 474 47.78 16.89 28.88
C GLU A 474 48.94 17.58 29.60
N ILE A 475 49.63 16.83 30.45
CA ILE A 475 50.72 17.39 31.24
C ILE A 475 52.01 16.69 30.84
N THR A 476 53.12 17.38 31.12
CA THR A 476 54.45 16.86 30.88
C THR A 476 55.19 16.77 32.21
N ILE A 477 55.73 15.59 32.52
CA ILE A 477 56.53 15.39 33.72
C ILE A 477 57.94 15.03 33.30
N ASP A 478 58.93 15.60 34.01
CA ASP A 478 60.33 15.41 33.69
C ASP A 478 60.86 14.25 34.54
N ILE A 479 61.19 13.15 33.89
CA ILE A 479 61.79 11.99 34.54
C ILE A 479 63.20 11.82 33.98
N PRO A 480 64.20 11.64 34.83
CA PRO A 480 65.57 11.46 34.31
C PRO A 480 65.73 10.13 33.60
N GLU A 481 66.71 10.07 32.69
CA GLU A 481 66.89 8.88 31.89
C GLU A 481 67.48 7.73 32.70
N ASP A 482 68.21 8.03 33.77
CA ASP A 482 68.75 6.98 34.62
C ASP A 482 67.69 6.36 35.53
N ILE A 483 66.55 7.00 35.68
CA ILE A 483 65.45 6.47 36.49
C ILE A 483 64.55 5.63 35.59
N LYS A 484 64.51 4.32 35.85
CA LYS A 484 63.72 3.41 35.03
C LYS A 484 63.15 2.31 35.92
N GLY A 485 62.20 1.57 35.34
CA GLY A 485 61.69 0.38 36.02
C GLY A 485 60.85 0.73 37.22
N LYS A 486 61.13 0.05 38.34
CA LYS A 486 60.36 0.26 39.57
C LYS A 486 60.55 1.68 40.09
N LYS A 487 61.77 2.21 39.98
CA LYS A 487 62.03 3.58 40.42
C LYS A 487 61.26 4.59 39.57
N LYS A 488 61.07 4.30 38.29
CA LYS A 488 60.33 5.21 37.41
C LYS A 488 58.84 5.17 37.74
N LYS A 489 58.30 3.98 38.03
CA LYS A 489 56.88 3.87 38.35
C LYS A 489 56.54 4.60 39.64
N GLU A 490 57.44 4.55 40.63
CA GLU A 490 57.16 5.17 41.91
C GLU A 490 57.10 6.69 41.80
N ARG A 491 57.92 7.28 40.92
CA ARG A 491 57.85 8.72 40.71
C ARG A 491 56.55 9.11 40.01
N LEU A 492 56.09 8.28 39.06
CA LEU A 492 54.81 8.55 38.41
C LEU A 492 53.65 8.43 39.39
N ASN A 493 53.76 7.54 40.38
CA ASN A 493 52.74 7.46 41.42
C ASN A 493 52.70 8.74 42.24
N GLU A 494 53.86 9.34 42.49
CA GLU A 494 53.91 10.59 43.24
C GLU A 494 53.21 11.72 42.50
N ARG A 495 53.29 11.71 41.17
CA ARG A 495 52.55 12.71 40.39
C ARG A 495 51.05 12.45 40.46
N LYS A 496 50.64 11.18 40.50
CA LYS A 496 49.22 10.85 40.61
C LYS A 496 48.66 11.34 41.95
N LYS A 497 49.40 11.10 43.04
CA LYS A 497 48.97 11.62 44.33
C LYS A 497 48.95 13.14 44.33
N GLU A 498 49.92 13.76 43.66
CA GLU A 498 49.93 15.21 43.52
C GLU A 498 48.75 15.70 42.69
N ILE A 499 48.47 15.01 41.59
CA ILE A 499 47.31 15.38 40.77
C ILE A 499 46.01 15.16 41.53
N PHE A 500 45.94 14.09 42.32
CA PHE A 500 44.73 13.80 43.09
C PHE A 500 44.45 14.91 44.11
N LYS A 501 45.49 15.41 44.78
CA LYS A 501 45.28 16.46 45.76
C LYS A 501 44.87 17.78 45.10
N GLN A 502 45.40 18.07 43.91
CA GLN A 502 45.04 19.31 43.23
C GLN A 502 43.55 19.37 42.95
N TYR A 503 42.99 18.28 42.44
CA TYR A 503 41.56 18.23 42.11
C TYR A 503 40.75 17.65 43.26
N LYS A 504 40.96 18.18 44.47
CA LYS A 504 40.26 17.65 45.63
C LYS A 504 38.76 17.89 45.56
N ASN A 505 38.35 19.03 44.98
CA ASN A 505 36.93 19.33 44.85
C ASN A 505 36.30 18.57 43.69
N GLU A 506 37.06 18.32 42.62
CA GLU A 506 36.52 17.54 41.50
C GLU A 506 36.23 16.11 41.94
N VAL A 507 37.06 15.56 42.82
CA VAL A 507 36.78 14.24 43.39
C VAL A 507 35.53 14.30 44.27
N GLY A 508 35.29 15.44 44.92
CA GLY A 508 34.09 15.57 45.74
C GLY A 508 32.82 15.46 44.92
N GLU A 509 32.84 15.99 43.69
CA GLU A 509 31.68 15.84 42.81
C GLU A 509 31.55 14.41 42.30
N PHE A 510 32.66 13.67 42.24
CA PHE A 510 32.61 12.29 41.78
C PHE A 510 31.84 11.41 42.76
N LEU A 511 32.04 11.62 44.06
CA LEU A 511 31.38 10.80 45.06
C LEU A 511 29.86 10.99 45.04
N GLY A 512 29.39 12.21 44.75
CA GLY A 512 27.97 12.42 44.62
C GLY A 512 27.38 11.72 43.42
N GLU A 513 28.15 11.57 42.35
CA GLU A 513 27.73 10.85 41.15
C GLU A 513 28.06 9.37 41.21
N ARG A 514 28.42 8.87 42.40
CA ARG A 514 28.83 7.47 42.60
C ARG A 514 30.05 7.10 41.76
N ILE A 515 30.94 8.06 41.55
CA ILE A 515 32.21 7.84 40.86
C ILE A 515 33.30 7.73 41.91
N TYR A 516 34.05 6.63 41.89
CA TYR A 516 35.10 6.38 42.87
C TYR A 516 36.44 6.30 42.16
N LEU A 517 37.22 7.39 42.25
CA LEU A 517 38.54 7.47 41.63
C LEU A 517 39.60 7.21 42.69
N SER A 518 40.43 6.19 42.48
CA SER A 518 41.51 5.90 43.40
C SER A 518 42.58 6.98 43.33
N GLU A 519 43.29 7.16 44.44
CA GLU A 519 44.39 8.12 44.47
C GLU A 519 45.49 7.72 43.50
N ILE A 520 45.91 6.46 43.55
CA ILE A 520 46.88 5.92 42.61
C ILE A 520 46.21 4.85 41.76
N ASP A 521 45.91 3.72 42.37
CA ASP A 521 45.25 2.62 41.67
C ASP A 521 44.57 1.72 42.69
N LEU A 522 43.98 0.63 42.20
CA LEU A 522 43.28 -0.31 43.07
C LEU A 522 44.25 -1.01 44.02
N GLU A 523 45.42 -1.41 43.51
CA GLU A 523 46.36 -2.17 44.32
C GLU A 523 46.82 -1.37 45.54
N ASN A 524 47.01 -0.07 45.38
CA ASN A 524 47.41 0.75 46.53
C ASN A 524 46.25 0.93 47.50
N ASP A 525 45.03 1.06 47.00
CA ASP A 525 43.87 1.12 47.88
C ASP A 525 43.65 -0.20 48.59
N LEU A 526 44.00 -1.32 47.95
CA LEU A 526 43.87 -2.62 48.60
C LEU A 526 44.90 -2.78 49.71
N TYR A 527 46.09 -2.21 49.52
CA TYR A 527 47.10 -2.24 50.58
C TYR A 527 46.65 -1.45 51.79
N SER A 528 45.94 -0.33 51.57
CA SER A 528 45.47 0.48 52.69
C SER A 528 44.45 -0.27 53.53
N ALA A 529 43.68 -1.17 52.92
CA ALA A 529 42.63 -1.89 53.65
C ALA A 529 43.19 -3.10 54.39
N ILE A 530 44.14 -3.81 53.78
CA ILE A 530 44.68 -5.02 54.38
C ILE A 530 46.18 -5.10 54.14
N GLY A 531 46.93 -4.11 54.66
CA GLY A 531 48.37 -4.14 54.50
C GLY A 531 49.03 -5.29 55.23
N GLU A 532 48.60 -5.54 56.48
CA GLU A 532 49.16 -6.65 57.25
C GLU A 532 48.90 -7.99 56.57
N SER A 533 47.72 -8.14 55.97
CA SER A 533 47.38 -9.40 55.32
C SER A 533 48.16 -9.59 54.03
N MET A 534 48.34 -8.53 53.26
CA MET A 534 49.05 -8.64 51.98
C MET A 534 50.54 -8.90 52.21
N LYS A 535 51.13 -8.29 53.23
CA LYS A 535 52.53 -8.55 53.53
C LYS A 535 52.75 -10.00 53.95
N ARG A 536 51.85 -10.54 54.77
CA ARG A 536 51.97 -11.92 55.22
C ARG A 536 51.73 -12.90 54.07
N ILE A 537 50.75 -12.60 53.21
CA ILE A 537 50.39 -13.52 52.14
C ILE A 537 51.52 -13.65 51.13
N PHE A 538 52.14 -12.53 50.75
CA PHE A 538 53.15 -12.54 49.70
C PHE A 538 54.58 -12.63 50.22
N GLU A 539 54.80 -12.38 51.51
CA GLU A 539 56.11 -12.42 52.16
C GLU A 539 57.09 -11.40 51.55
N ASN A 540 56.72 -10.80 50.42
CA ASN A 540 57.51 -9.75 49.80
C ASN A 540 57.25 -8.43 50.53
N GLU A 541 58.32 -7.68 50.76
CA GLU A 541 58.20 -6.46 51.55
C GLU A 541 57.31 -5.41 50.89
N ASP A 542 57.25 -5.41 49.56
CA ASP A 542 56.36 -4.53 48.81
C ASP A 542 55.33 -5.39 48.08
N PRO A 543 54.19 -5.70 48.72
CA PRO A 543 53.19 -6.54 48.04
C PRO A 543 52.51 -5.86 46.88
N VAL A 544 52.40 -4.53 46.90
CA VAL A 544 51.77 -3.83 45.79
C VAL A 544 52.63 -3.95 44.53
N HIS A 545 53.95 -3.84 44.67
CA HIS A 545 54.82 -3.98 43.51
C HIS A 545 54.76 -5.40 42.96
N TYR A 546 54.69 -6.40 43.83
CA TYR A 546 54.65 -7.78 43.37
C TYR A 546 53.29 -8.13 42.77
N LEU A 547 52.21 -7.55 43.30
CA LEU A 547 50.88 -7.81 42.73
C LEU A 547 50.79 -7.31 41.30
N GLN A 548 51.41 -6.16 41.02
CA GLN A 548 51.35 -5.56 39.69
C GLN A 548 52.30 -6.20 38.69
N LYS A 549 53.20 -7.08 39.13
CA LYS A 549 54.06 -7.79 38.18
C LYS A 549 53.23 -8.61 37.20
N SER A 550 52.39 -9.49 37.73
CA SER A 550 51.42 -10.26 36.94
C SER A 550 50.06 -10.01 37.60
N LYS A 551 49.31 -9.03 37.07
CA LYS A 551 48.11 -8.57 37.74
C LYS A 551 47.07 -9.68 37.86
N LEU A 552 46.96 -10.54 36.85
CA LEU A 552 45.96 -11.60 36.91
C LEU A 552 46.38 -12.73 37.84
N PHE A 553 47.60 -13.26 37.64
CA PHE A 553 48.04 -14.41 38.43
C PHE A 553 48.20 -14.04 39.91
N ASN A 554 48.80 -12.87 40.19
CA ASN A 554 49.01 -12.50 41.58
C ASN A 554 47.71 -12.20 42.30
N MET A 555 46.71 -11.66 41.59
CA MET A 555 45.41 -11.44 42.22
C MET A 555 44.75 -12.77 42.56
N VAL A 556 44.88 -13.77 41.69
CA VAL A 556 44.38 -15.10 42.01
C VAL A 556 45.13 -15.69 43.18
N GLU A 557 46.45 -15.49 43.22
CA GLU A 557 47.24 -15.96 44.35
C GLU A 557 46.82 -15.26 45.64
N LEU A 558 46.44 -13.98 45.52
CA LEU A 558 46.04 -13.23 46.70
C LEU A 558 44.69 -13.70 47.24
N VAL A 559 43.71 -13.88 46.36
CA VAL A 559 42.36 -14.22 46.81
C VAL A 559 42.31 -15.63 47.37
N ASN A 560 43.22 -16.51 46.95
CA ASN A 560 43.23 -17.86 47.51
C ASN A 560 43.63 -17.85 48.97
N ASN A 561 44.57 -16.98 49.35
CA ASN A 561 45.05 -16.87 50.72
C ASN A 561 44.35 -15.78 51.51
N LEU A 562 43.37 -15.10 50.92
CA LEU A 562 42.64 -14.07 51.64
C LEU A 562 41.75 -14.69 52.71
N SER A 563 41.80 -14.11 53.91
CA SER A 563 40.97 -14.57 55.01
C SER A 563 39.55 -14.02 54.88
N THR A 564 38.63 -14.60 55.66
CA THR A 564 37.27 -14.07 55.70
C THR A 564 37.24 -12.70 56.34
N LYS A 565 38.03 -12.49 57.40
CA LYS A 565 38.15 -11.17 57.99
C LYS A 565 38.78 -10.17 57.02
N ASP A 566 39.67 -10.65 56.14
CA ASP A 566 40.24 -9.77 55.13
C ASP A 566 39.18 -9.26 54.17
N CYS A 567 38.26 -10.13 53.75
CA CYS A 567 37.18 -9.70 52.86
C CYS A 567 36.27 -8.69 53.55
N PHE A 568 35.97 -8.92 54.83
CA PHE A 568 35.14 -7.96 55.56
C PHE A 568 35.88 -6.65 55.80
N ASP A 569 37.19 -6.71 56.02
CA ASP A 569 37.98 -5.49 56.17
C ASP A 569 38.02 -4.70 54.87
N VAL A 570 38.18 -5.39 53.74
CA VAL A 570 38.17 -4.71 52.45
C VAL A 570 36.79 -4.14 52.17
N PHE A 571 35.73 -4.89 52.50
CA PHE A 571 34.37 -4.41 52.25
C PHE A 571 34.03 -3.21 53.12
N GLU A 572 34.42 -3.24 54.40
CA GLU A 572 34.08 -2.16 55.32
C GLU A 572 34.96 -0.93 55.14
N HIS A 573 36.09 -1.05 54.45
CA HIS A 573 36.99 0.09 54.33
C HIS A 573 36.38 1.19 53.47
N GLU A 574 36.74 2.44 53.80
CA GLU A 574 36.15 3.59 53.11
C GLU A 574 36.57 3.64 51.65
N LYS A 575 37.78 3.18 51.32
CA LYS A 575 38.23 3.21 49.93
C LYS A 575 37.42 2.29 49.04
N PHE A 576 36.73 1.31 49.62
CA PHE A 576 35.89 0.40 48.84
C PHE A 576 34.42 0.61 49.14
N ALA A 577 33.97 1.86 49.12
CA ALA A 577 32.55 2.15 49.33
C ALA A 577 31.70 1.70 48.16
N CYS A 578 32.31 1.44 47.00
CA CYS A 578 31.55 0.99 45.85
C CYS A 578 30.94 -0.39 46.08
N LEU A 579 31.61 -1.24 46.87
CA LEU A 579 31.05 -2.55 47.18
C LEU A 579 29.83 -2.42 48.08
N LYS A 580 29.83 -1.46 49.00
CA LYS A 580 28.65 -1.21 49.82
C LYS A 580 27.52 -0.62 48.98
N GLU A 581 27.84 0.18 47.96
CA GLU A 581 26.79 0.74 47.13
C GLU A 581 26.24 -0.29 46.16
N LEU A 582 27.05 -1.30 45.82
CA LEU A 582 26.60 -2.32 44.88
C LEU A 582 25.57 -3.23 45.52
N VAL A 583 25.79 -3.67 46.75
CA VAL A 583 24.84 -4.53 47.43
C VAL A 583 23.57 -3.76 47.81
N GLY A 584 23.68 -2.45 48.01
CA GLY A 584 22.52 -1.64 48.31
C GLY A 584 22.10 -1.61 49.76
N SER A 585 23.05 -1.71 50.69
CA SER A 585 22.72 -1.70 52.11
C SER A 585 22.30 -0.30 52.54
N SER B 1 3.47 -1.06 -31.53
CA SER B 1 2.02 -1.16 -31.47
C SER B 1 1.54 -1.13 -30.03
N ARG B 2 0.42 -1.82 -29.76
CA ARG B 2 -0.15 -1.82 -28.42
C ARG B 2 0.79 -2.44 -27.39
N GLU B 3 1.60 -3.42 -27.81
CA GLU B 3 2.57 -3.99 -26.89
C GLU B 3 3.62 -2.96 -26.49
N GLN B 4 3.97 -2.06 -27.41
CA GLN B 4 4.87 -0.97 -27.08
C GLN B 4 4.19 0.10 -26.23
N ILE B 5 2.86 0.18 -26.29
CA ILE B 5 2.13 1.19 -25.52
C ILE B 5 2.13 0.83 -24.04
N ILE B 6 1.78 -0.41 -23.71
CA ILE B 6 1.60 -0.79 -22.31
C ILE B 6 2.94 -0.89 -21.59
N LYS B 7 4.03 -1.14 -22.32
CA LYS B 7 5.33 -1.30 -21.66
C LYS B 7 5.82 0.03 -21.08
N ASP B 8 5.45 1.15 -21.69
CA ASP B 8 5.90 2.44 -21.19
C ASP B 8 5.26 2.75 -19.84
N GLY B 9 6.08 3.15 -18.88
CA GLY B 9 5.60 3.42 -17.54
C GLY B 9 5.56 4.90 -17.21
N GLY B 10 5.99 5.74 -18.13
CA GLY B 10 5.98 7.18 -17.95
C GLY B 10 4.68 7.82 -18.43
N ASN B 11 4.74 9.13 -18.59
CA ASN B 11 3.58 9.87 -19.09
C ASN B 11 3.28 9.47 -20.53
N ILE B 12 2.06 8.99 -20.78
CA ILE B 12 1.68 8.46 -22.09
C ILE B 12 0.53 9.30 -22.63
N LEU B 13 0.69 9.79 -23.85
CA LEU B 13 -0.35 10.51 -24.57
C LEU B 13 -0.79 9.65 -25.75
N VAL B 14 -2.05 9.24 -25.73
CA VAL B 14 -2.59 8.31 -26.72
C VAL B 14 -3.61 9.03 -27.59
N THR B 15 -3.48 8.85 -28.91
CA THR B 15 -4.47 9.35 -29.87
C THR B 15 -5.36 8.18 -30.26
N ALA B 16 -6.63 8.23 -29.84
CA ALA B 16 -7.57 7.15 -30.09
C ALA B 16 -8.65 7.62 -31.07
N GLY B 17 -9.07 6.71 -31.93
CA GLY B 17 -10.10 7.00 -32.91
C GLY B 17 -10.89 5.76 -33.26
N ALA B 18 -11.93 5.96 -34.07
CA ALA B 18 -12.84 4.94 -34.59
C ALA B 18 -13.65 4.25 -33.50
N GLY B 19 -13.48 4.62 -32.23
CA GLY B 19 -14.30 4.06 -31.17
C GLY B 19 -13.85 2.72 -30.65
N SER B 20 -14.07 2.49 -29.34
CA SER B 20 -13.84 1.21 -28.67
C SER B 20 -12.36 0.84 -28.58
N GLY B 21 -11.53 1.39 -29.47
CA GLY B 21 -10.09 1.20 -29.33
C GLY B 21 -9.53 1.85 -28.08
N LYS B 22 -10.21 2.87 -27.58
CA LYS B 22 -9.76 3.56 -26.37
C LYS B 22 -10.13 2.79 -25.11
N THR B 23 -11.32 2.19 -25.08
CA THR B 23 -11.82 1.58 -23.84
C THR B 23 -11.11 0.26 -23.55
N THR B 24 -10.94 -0.59 -24.56
CA THR B 24 -10.32 -1.89 -24.33
C THR B 24 -8.86 -1.75 -23.94
N ILE B 25 -8.13 -0.84 -24.61
CA ILE B 25 -6.73 -0.63 -24.25
C ILE B 25 -6.60 0.02 -22.88
N LEU B 26 -7.56 0.88 -22.52
CA LEU B 26 -7.51 1.54 -21.22
C LEU B 26 -7.66 0.54 -20.08
N VAL B 27 -8.63 -0.37 -20.20
CA VAL B 27 -8.84 -1.37 -19.15
C VAL B 27 -7.65 -2.32 -19.08
N SER B 28 -7.12 -2.72 -20.23
CA SER B 28 -5.98 -3.63 -20.24
C SER B 28 -4.73 -2.96 -19.69
N LYS B 29 -4.53 -1.68 -19.99
CA LYS B 29 -3.37 -0.97 -19.47
C LYS B 29 -3.48 -0.78 -17.95
N ILE B 30 -4.70 -0.56 -17.45
CA ILE B 30 -4.89 -0.36 -16.02
C ILE B 30 -4.61 -1.65 -15.27
N GLU B 31 -5.26 -2.75 -15.67
CA GLU B 31 -5.12 -4.01 -14.94
C GLU B 31 -3.71 -4.58 -15.07
N ALA B 32 -2.99 -4.22 -16.14
CA ALA B 32 -1.62 -4.69 -16.29
C ALA B 32 -0.68 -3.93 -15.33
N ASP B 33 -0.90 -2.63 -15.16
CA ASP B 33 -0.08 -1.86 -14.23
C ASP B 33 -0.37 -2.24 -12.79
N LEU B 34 -1.61 -2.64 -12.48
CA LEU B 34 -1.93 -3.10 -11.14
C LEU B 34 -1.19 -4.39 -10.81
N LYS B 35 -0.99 -5.25 -11.82
CA LYS B 35 -0.27 -6.50 -11.60
C LYS B 35 1.23 -6.26 -11.43
N GLU B 36 1.78 -5.26 -12.14
CA GLU B 36 3.21 -4.98 -12.03
C GLU B 36 3.55 -4.34 -10.69
N ASN B 37 2.72 -3.41 -10.22
CA ASN B 37 3.02 -2.65 -9.01
C ASN B 37 2.42 -3.36 -7.81
N LYS B 38 3.25 -3.65 -6.81
CA LYS B 38 2.80 -4.29 -5.58
C LYS B 38 2.68 -3.31 -4.42
N THR B 39 3.14 -2.07 -4.59
CA THR B 39 3.16 -1.10 -3.50
C THR B 39 1.75 -0.60 -3.20
N HIS B 40 1.66 0.29 -2.22
CA HIS B 40 0.36 0.75 -1.73
C HIS B 40 -0.31 1.74 -2.66
N TYR B 41 0.42 2.31 -3.62
CA TYR B 41 -0.15 3.33 -4.49
C TYR B 41 -1.27 2.73 -5.34
N SER B 42 -2.26 3.57 -5.63
CA SER B 42 -3.42 3.17 -6.41
C SER B 42 -3.48 3.98 -7.70
N ILE B 43 -4.42 3.60 -8.57
CA ILE B 43 -4.66 4.31 -9.82
C ILE B 43 -5.99 5.05 -9.70
N ALA B 44 -6.19 6.00 -10.61
CA ALA B 44 -7.42 6.77 -10.68
C ALA B 44 -7.78 6.99 -12.13
N ALA B 45 -8.92 6.46 -12.55
CA ALA B 45 -9.44 6.65 -13.90
C ALA B 45 -10.66 7.56 -13.84
N VAL B 46 -10.69 8.56 -14.71
CA VAL B 46 -11.76 9.56 -14.73
C VAL B 46 -12.39 9.56 -16.12
N THR B 47 -13.72 9.49 -16.16
CA THR B 47 -14.48 9.56 -17.40
C THR B 47 -15.54 10.64 -17.28
N PHE B 48 -15.88 11.25 -18.42
CA PHE B 48 -16.85 12.34 -18.41
C PHE B 48 -18.24 11.85 -18.01
N THR B 49 -18.68 10.75 -18.63
CA THR B 49 -19.99 10.18 -18.36
C THR B 49 -19.88 9.07 -17.32
N ASN B 50 -20.98 8.86 -16.59
CA ASN B 50 -21.00 7.83 -15.55
C ASN B 50 -21.08 6.43 -16.13
N LYS B 51 -21.55 6.28 -17.37
CA LYS B 51 -21.61 4.96 -17.98
C LYS B 51 -20.22 4.45 -18.31
N ALA B 52 -19.34 5.31 -18.80
CA ALA B 52 -17.98 4.89 -19.13
C ALA B 52 -17.21 4.50 -17.88
N ALA B 53 -17.45 5.20 -16.77
CA ALA B 53 -16.81 4.81 -15.51
C ALA B 53 -17.31 3.47 -15.03
N LYS B 54 -18.62 3.21 -15.15
CA LYS B 54 -19.16 1.91 -14.77
C LYS B 54 -18.72 0.82 -15.74
N GLU B 55 -18.49 1.17 -17.01
CA GLU B 55 -18.04 0.17 -17.97
C GLU B 55 -16.62 -0.27 -17.68
N ILE B 56 -15.75 0.65 -17.24
CA ILE B 56 -14.38 0.30 -16.91
C ILE B 56 -14.33 -0.52 -15.62
N GLU B 57 -15.17 -0.16 -14.65
CA GLU B 57 -15.17 -0.85 -13.37
C GLU B 57 -15.61 -2.31 -13.51
N GLY B 58 -16.51 -2.60 -14.45
CA GLY B 58 -16.98 -3.96 -14.61
C GLY B 58 -15.93 -4.88 -15.20
N ARG B 59 -15.11 -4.36 -16.12
CA ARG B 59 -14.11 -5.20 -16.77
C ARG B 59 -12.85 -5.38 -15.92
N LEU B 60 -12.55 -4.42 -15.04
CA LEU B 60 -11.35 -4.54 -14.22
C LEU B 60 -11.49 -5.64 -13.16
N GLY B 61 -12.65 -5.72 -12.51
CA GLY B 61 -12.84 -6.71 -11.47
C GLY B 61 -12.77 -6.12 -10.08
N TYR B 62 -12.04 -6.80 -9.18
CA TYR B 62 -11.93 -6.33 -7.81
C TYR B 62 -11.00 -5.12 -7.74
N SER B 63 -11.39 -4.14 -6.92
CA SER B 63 -10.59 -2.94 -6.76
C SER B 63 -10.03 -2.85 -5.34
N SER B 64 -9.44 -3.94 -4.86
CA SER B 64 -8.89 -3.97 -3.51
C SER B 64 -7.67 -3.07 -3.38
N ARG B 65 -7.09 -2.60 -4.49
CA ARG B 65 -6.02 -1.62 -4.43
C ARG B 65 -6.51 -0.24 -4.00
N GLY B 66 -7.81 -0.07 -3.77
CA GLY B 66 -8.32 1.26 -3.47
C GLY B 66 -8.45 2.15 -4.68
N ASN B 67 -8.38 1.56 -5.88
CA ASN B 67 -8.39 2.34 -7.10
C ASN B 67 -9.71 3.10 -7.24
N PHE B 68 -9.62 4.33 -7.72
CA PHE B 68 -10.79 5.18 -7.92
C PHE B 68 -11.22 5.11 -9.37
N ILE B 69 -12.47 4.69 -9.59
CA ILE B 69 -13.08 4.65 -10.92
C ILE B 69 -14.39 5.43 -10.83
N GLY B 70 -14.45 6.59 -11.47
CA GLY B 70 -15.63 7.40 -11.39
C GLY B 70 -15.61 8.57 -12.35
N THR B 71 -16.47 9.55 -12.06
CA THR B 71 -16.64 10.70 -12.91
C THR B 71 -15.57 11.75 -12.62
N ASN B 72 -15.24 12.56 -13.63
CA ASN B 72 -14.33 13.67 -13.43
C ASN B 72 -14.80 14.60 -12.32
N ASP B 73 -16.10 14.95 -12.33
CA ASP B 73 -16.64 15.81 -11.30
C ASP B 73 -16.64 15.11 -9.94
N GLY B 74 -16.92 13.80 -9.93
CA GLY B 74 -16.93 13.07 -8.66
C GLY B 74 -15.54 12.88 -8.08
N PHE B 75 -14.51 12.90 -8.93
CA PHE B 75 -13.14 12.73 -8.44
C PHE B 75 -12.70 13.93 -7.62
N VAL B 76 -12.73 15.12 -8.22
CA VAL B 76 -12.28 16.32 -7.52
C VAL B 76 -13.17 16.62 -6.33
N GLU B 77 -14.41 16.16 -6.35
CA GLU B 77 -15.32 16.40 -5.25
C GLU B 77 -14.97 15.54 -4.03
N SER B 78 -14.81 14.24 -4.25
CA SER B 78 -14.62 13.32 -3.13
C SER B 78 -13.18 13.26 -2.66
N GLU B 79 -12.21 13.59 -3.53
CA GLU B 79 -10.80 13.41 -3.20
C GLU B 79 -10.08 14.71 -2.86
N ILE B 80 -10.58 15.85 -3.32
CA ILE B 80 -9.87 17.11 -3.13
C ILE B 80 -10.73 18.10 -2.37
N ILE B 81 -11.90 18.45 -2.93
CA ILE B 81 -12.70 19.53 -2.37
C ILE B 81 -13.25 19.15 -1.01
N ARG B 82 -14.06 18.10 -0.95
CA ARG B 82 -14.72 17.73 0.30
C ARG B 82 -13.76 17.45 1.46
N PRO B 83 -12.64 16.74 1.28
CA PRO B 83 -11.80 16.45 2.45
C PRO B 83 -11.03 17.64 2.97
N PHE B 84 -10.54 18.52 2.09
CA PHE B 84 -9.55 19.52 2.49
C PHE B 84 -10.03 20.95 2.26
N ILE B 85 -11.35 21.18 2.15
CA ILE B 85 -11.81 22.55 1.96
C ILE B 85 -11.71 23.33 3.26
N LYS B 86 -11.98 22.68 4.40
CA LYS B 86 -11.84 23.35 5.69
C LYS B 86 -10.39 23.64 6.01
N ASP B 87 -9.47 22.77 5.58
CA ASP B 87 -8.05 23.04 5.77
C ASP B 87 -7.59 24.22 4.92
N ALA B 88 -8.12 24.32 3.70
CA ALA B 88 -7.67 25.36 2.77
C ALA B 88 -8.29 26.72 3.09
N PHE B 89 -9.56 26.76 3.46
CA PHE B 89 -10.29 28.01 3.60
C PHE B 89 -10.78 28.28 5.02
N GLY B 90 -10.52 27.40 5.97
CA GLY B 90 -10.96 27.59 7.33
C GLY B 90 -12.22 26.80 7.66
N ASN B 91 -12.56 26.81 8.95
CA ASN B 91 -13.71 26.05 9.44
C ASN B 91 -15.04 26.67 9.03
N ASP B 92 -15.04 27.85 8.42
CA ASP B 92 -16.29 28.49 8.02
C ASP B 92 -17.00 27.70 6.93
N TYR B 93 -16.23 27.03 6.06
CA TYR B 93 -16.74 26.33 4.89
C TYR B 93 -17.18 24.91 5.26
N PRO B 94 -18.27 24.43 4.66
CA PRO B 94 -18.80 23.10 5.02
C PRO B 94 -18.21 21.99 4.18
N ASP B 95 -18.18 20.80 4.78
CA ASP B 95 -17.80 19.58 4.07
C ASP B 95 -19.00 18.71 3.72
N ASN B 96 -20.20 19.07 4.18
CA ASN B 96 -21.43 18.39 3.81
C ASN B 96 -22.16 19.09 2.66
N PHE B 97 -21.42 19.84 1.84
CA PHE B 97 -22.03 20.62 0.77
C PHE B 97 -22.64 19.70 -0.28
N THR B 98 -23.62 20.23 -1.01
CA THR B 98 -24.29 19.52 -2.09
C THR B 98 -24.11 20.31 -3.37
N ALA B 99 -23.55 19.67 -4.40
CA ALA B 99 -23.25 20.33 -5.66
C ALA B 99 -24.44 20.17 -6.61
N GLU B 100 -24.95 21.29 -7.09
CA GLU B 100 -26.04 21.32 -8.07
C GLU B 100 -25.52 21.95 -9.35
N TYR B 101 -25.57 21.18 -10.45
CA TYR B 101 -25.00 21.64 -11.70
C TYR B 101 -25.84 22.73 -12.36
N PHE B 102 -27.16 22.58 -12.31
CA PHE B 102 -28.03 23.47 -13.09
C PHE B 102 -28.27 24.80 -12.38
N ASP B 103 -28.36 24.80 -11.06
CA ASP B 103 -28.75 25.98 -10.32
C ASP B 103 -27.54 26.80 -9.88
N ASN B 104 -27.80 28.07 -9.57
CA ASN B 104 -26.85 28.97 -8.93
C ASN B 104 -25.61 29.20 -9.79
N GLN B 105 -25.85 29.76 -10.98
CA GLN B 105 -24.76 30.29 -11.79
C GLN B 105 -24.35 31.67 -11.27
N PHE B 106 -23.04 31.91 -11.25
CA PHE B 106 -22.51 33.16 -10.73
C PHE B 106 -21.47 33.70 -11.71
N ALA B 107 -21.12 34.97 -11.50
CA ALA B 107 -20.27 35.69 -12.45
C ALA B 107 -18.80 35.65 -12.10
N SER B 108 -18.45 35.64 -10.81
CA SER B 108 -17.07 35.75 -10.39
C SER B 108 -16.73 34.64 -9.40
N TYR B 109 -15.43 34.28 -9.38
CA TYR B 109 -14.96 33.25 -8.46
C TYR B 109 -15.23 33.61 -7.01
N ASP B 110 -15.22 34.90 -6.67
CA ASP B 110 -15.51 35.32 -5.31
C ASP B 110 -16.98 35.07 -4.98
N LYS B 111 -17.86 35.23 -5.97
CA LYS B 111 -19.29 35.03 -5.74
C LYS B 111 -19.59 33.57 -5.42
N GLY B 112 -18.98 32.64 -6.14
CA GLY B 112 -19.24 31.23 -5.90
C GLY B 112 -18.79 30.76 -4.53
N LEU B 113 -17.75 31.38 -3.97
CA LEU B 113 -17.30 31.02 -2.63
C LEU B 113 -18.37 31.33 -1.59
N GLN B 114 -19.12 32.43 -1.80
CA GLN B 114 -20.16 32.79 -0.86
C GLN B 114 -21.35 31.84 -0.94
N VAL B 115 -21.65 31.33 -2.14
CA VAL B 115 -22.71 30.34 -2.29
C VAL B 115 -22.33 29.06 -1.56
N LEU B 116 -21.04 28.72 -1.57
CA LEU B 116 -20.58 27.53 -0.87
C LEU B 116 -20.46 27.77 0.63
N LYS B 117 -20.10 29.00 1.02
CA LYS B 117 -19.89 29.30 2.43
C LYS B 117 -21.21 29.52 3.15
N TYR B 118 -22.13 30.26 2.54
CA TYR B 118 -23.40 30.62 3.17
C TYR B 118 -24.56 29.75 2.71
N GLN B 119 -24.73 29.58 1.40
CA GLN B 119 -25.83 28.79 0.87
C GLN B 119 -25.54 27.29 0.84
N ASN B 120 -24.33 26.88 1.21
CA ASN B 120 -23.99 25.49 1.45
C ASN B 120 -24.17 24.62 0.20
N ILE B 121 -24.00 25.19 -0.99
CA ILE B 121 -24.09 24.43 -2.23
C ILE B 121 -22.94 24.83 -3.14
N LEU B 122 -22.60 23.92 -4.05
CA LEU B 122 -21.51 24.11 -5.00
C LEU B 122 -22.11 24.29 -6.38
N GLY B 123 -22.10 25.55 -6.87
CA GLY B 123 -22.70 25.88 -8.13
C GLY B 123 -21.70 25.98 -9.27
N THR B 124 -22.22 25.80 -10.49
CA THR B 124 -21.37 25.87 -11.67
C THR B 124 -21.13 27.32 -12.08
N TYR B 125 -20.12 27.50 -12.91
CA TYR B 125 -19.82 28.81 -13.48
C TYR B 125 -20.79 29.12 -14.61
N SER B 126 -21.09 30.41 -14.78
CA SER B 126 -21.97 30.82 -15.86
C SER B 126 -21.31 30.63 -17.22
N ASN B 127 -20.03 30.96 -17.32
CA ASN B 127 -19.30 30.76 -18.57
C ASN B 127 -19.03 29.27 -18.78
N PRO B 128 -19.43 28.70 -19.91
CA PRO B 128 -19.18 27.27 -20.15
C PRO B 128 -17.71 26.93 -20.26
N LYS B 129 -16.87 27.89 -20.67
CA LYS B 129 -15.44 27.63 -20.83
C LYS B 129 -14.69 27.54 -19.51
N LYS B 130 -15.22 28.14 -18.46
CA LYS B 130 -14.58 28.15 -17.15
C LYS B 130 -15.30 27.19 -16.21
N ASN B 131 -14.54 26.30 -15.57
CA ASN B 131 -15.07 25.34 -14.62
C ASN B 131 -14.76 25.80 -13.21
N PHE B 132 -15.80 25.90 -12.37
CA PHE B 132 -15.60 26.40 -11.02
C PHE B 132 -15.13 25.30 -10.07
N LYS B 133 -15.61 24.06 -10.25
CA LYS B 133 -15.19 22.98 -9.37
C LYS B 133 -13.70 22.70 -9.51
N PHE B 134 -13.20 22.67 -10.75
CA PHE B 134 -11.77 22.42 -10.94
C PHE B 134 -10.93 23.64 -10.56
N GLN B 135 -11.47 24.85 -10.73
CA GLN B 135 -10.79 26.02 -10.20
C GLN B 135 -10.75 25.99 -8.69
N LEU B 136 -11.81 25.46 -8.06
CA LEU B 136 -11.81 25.32 -6.60
C LEU B 136 -10.86 24.23 -6.15
N ALA B 137 -10.82 23.11 -6.86
CA ALA B 137 -9.96 22.00 -6.47
C ALA B 137 -8.48 22.38 -6.60
N LEU B 138 -8.12 23.05 -7.69
CA LEU B 138 -6.74 23.51 -7.85
C LEU B 138 -6.37 24.53 -6.78
N ASP B 139 -7.31 25.42 -6.44
CA ASP B 139 -7.07 26.40 -5.39
C ASP B 139 -6.90 25.73 -4.04
N ILE B 140 -7.69 24.68 -3.77
CA ILE B 140 -7.61 24.00 -2.48
C ILE B 140 -6.26 23.30 -2.33
N LEU B 141 -5.75 22.71 -3.41
CA LEU B 141 -4.47 22.02 -3.34
C LEU B 141 -3.34 22.98 -3.00
N LYS B 142 -3.33 24.15 -3.63
CA LYS B 142 -2.29 25.14 -3.35
C LYS B 142 -2.40 25.70 -1.94
N LYS B 143 -3.62 25.82 -1.41
CA LYS B 143 -3.80 26.35 -0.06
C LYS B 143 -3.49 25.32 1.01
N SER B 144 -3.79 24.05 0.76
CA SER B 144 -3.73 23.00 1.77
C SER B 144 -2.50 22.12 1.54
N LEU B 145 -1.65 22.00 2.58
CA LEU B 145 -0.50 21.12 2.49
C LEU B 145 -0.91 19.65 2.56
N VAL B 146 -1.88 19.33 3.42
CA VAL B 146 -2.34 17.96 3.55
C VAL B 146 -2.97 17.48 2.25
N ALA B 147 -3.67 18.36 1.55
CA ALA B 147 -4.29 17.98 0.28
C ALA B 147 -3.24 17.53 -0.72
N ARG B 148 -2.11 18.23 -0.80
CA ARG B 148 -1.05 17.80 -1.71
C ARG B 148 -0.41 16.51 -1.24
N GLN B 149 -0.26 16.34 0.07
CA GLN B 149 0.35 15.12 0.59
C GLN B 149 -0.53 13.90 0.34
N TYR B 150 -1.85 14.06 0.48
CA TYR B 150 -2.74 12.92 0.29
C TYR B 150 -2.79 12.47 -1.16
N ILE B 151 -2.85 13.42 -2.10
CA ILE B 151 -2.93 13.07 -3.51
C ILE B 151 -1.68 12.33 -3.96
N PHE B 152 -0.51 12.79 -3.51
CA PHE B 152 0.73 12.11 -3.85
C PHE B 152 0.80 10.72 -3.22
N SER B 153 0.30 10.60 -1.98
CA SER B 153 0.42 9.33 -1.27
C SER B 153 -0.57 8.29 -1.79
N LYS B 154 -1.70 8.72 -2.35
CA LYS B 154 -2.76 7.80 -2.74
C LYS B 154 -2.58 7.26 -4.15
N TYR B 155 -2.31 8.14 -5.13
CA TYR B 155 -2.30 7.77 -6.53
C TYR B 155 -0.91 7.97 -7.12
N PHE B 156 -0.43 6.97 -7.86
CA PHE B 156 0.82 7.08 -8.59
C PHE B 156 0.62 7.35 -10.08
N LYS B 157 -0.54 7.00 -10.63
CA LYS B 157 -0.87 7.28 -12.01
C LYS B 157 -2.36 7.58 -12.12
N ILE B 158 -2.71 8.45 -13.07
CA ILE B 158 -4.09 8.85 -13.29
C ILE B 158 -4.42 8.66 -14.76
N PHE B 159 -5.50 7.93 -15.03
CA PHE B 159 -5.96 7.68 -16.40
C PHE B 159 -7.09 8.64 -16.72
N ILE B 160 -7.02 9.27 -17.90
CA ILE B 160 -8.00 10.26 -18.32
C ILE B 160 -8.55 9.83 -19.67
N ASP B 161 -9.88 9.81 -19.78
CA ASP B 161 -10.58 9.41 -20.99
C ASP B 161 -11.21 10.63 -21.65
N GLU B 162 -11.18 10.64 -22.99
CA GLU B 162 -11.79 11.71 -23.80
C GLU B 162 -11.23 13.07 -23.42
N TYR B 163 -9.91 13.21 -23.56
CA TYR B 163 -9.24 14.42 -23.10
C TYR B 163 -9.52 15.63 -23.99
N GLN B 164 -9.96 15.41 -25.24
CA GLN B 164 -10.26 16.53 -26.12
C GLN B 164 -11.45 17.35 -25.63
N ASP B 165 -12.31 16.77 -24.80
CA ASP B 165 -13.44 17.49 -24.25
C ASP B 165 -13.12 18.25 -22.97
N SER B 166 -11.93 18.06 -22.42
CA SER B 166 -11.58 18.73 -21.16
C SER B 166 -11.41 20.23 -21.38
N ASP B 167 -11.97 21.01 -20.47
CA ASP B 167 -11.84 22.46 -20.54
C ASP B 167 -10.47 22.89 -20.04
N LYS B 168 -10.24 24.22 -20.01
CA LYS B 168 -8.95 24.74 -19.59
C LYS B 168 -8.74 24.62 -18.08
N ASP B 169 -9.76 24.93 -17.29
CA ASP B 169 -9.64 24.74 -15.84
C ASP B 169 -9.47 23.27 -15.48
N MET B 170 -10.18 22.39 -16.20
CA MET B 170 -9.98 20.96 -16.02
C MET B 170 -8.60 20.53 -16.47
N HIS B 171 -8.08 21.17 -17.52
CA HIS B 171 -6.73 20.86 -18.01
C HIS B 171 -5.66 21.36 -17.04
N ASN B 172 -5.90 22.49 -16.37
CA ASN B 172 -4.90 23.03 -15.46
C ASN B 172 -4.66 22.12 -14.27
N LEU B 173 -5.72 21.49 -13.76
CA LEU B 173 -5.56 20.61 -12.61
C LEU B 173 -4.73 19.37 -12.97
N PHE B 174 -5.01 18.78 -14.13
CA PHE B 174 -4.26 17.59 -14.54
C PHE B 174 -2.79 17.90 -14.73
N MET B 175 -2.48 19.02 -15.38
CA MET B 175 -1.08 19.42 -15.54
C MET B 175 -0.44 19.78 -14.20
N TYR B 176 -1.23 20.31 -13.27
CA TYR B 176 -0.70 20.63 -11.94
C TYR B 176 -0.28 19.36 -11.21
N LEU B 177 -1.04 18.27 -11.38
CA LEU B 177 -0.68 17.01 -10.75
C LEU B 177 0.57 16.40 -11.37
N LYS B 178 0.81 16.67 -12.66
CA LYS B 178 2.00 16.13 -13.32
C LYS B 178 3.23 17.00 -13.07
N ASP B 179 3.06 18.33 -13.15
CA ASP B 179 4.21 19.23 -13.03
C ASP B 179 4.64 19.40 -11.58
N GLN B 180 3.69 19.60 -10.66
CA GLN B 180 4.03 19.87 -9.27
C GLN B 180 4.07 18.60 -8.42
N LEU B 181 3.04 17.77 -8.50
CA LEU B 181 2.98 16.56 -7.70
C LEU B 181 3.67 15.37 -8.35
N LYS B 182 4.10 15.50 -9.61
CA LYS B 182 4.86 14.46 -10.31
C LYS B 182 4.09 13.14 -10.34
N ILE B 183 2.84 13.19 -10.78
CA ILE B 183 1.99 12.02 -10.90
C ILE B 183 1.91 11.64 -12.37
N LYS B 184 2.15 10.36 -12.66
CA LYS B 184 2.08 9.88 -14.03
C LYS B 184 0.67 10.05 -14.58
N LEU B 185 0.58 10.45 -15.85
CA LEU B 185 -0.70 10.68 -16.51
C LEU B 185 -0.79 9.83 -17.77
N PHE B 186 -1.86 9.04 -17.86
CA PHE B 186 -2.17 8.26 -19.06
C PHE B 186 -3.38 8.94 -19.72
N ILE B 187 -3.14 9.57 -20.86
CA ILE B 187 -4.13 10.42 -21.52
C ILE B 187 -4.62 9.72 -22.78
N VAL B 188 -5.94 9.67 -22.95
CA VAL B 188 -6.57 9.10 -24.13
C VAL B 188 -7.52 10.15 -24.70
N GLY B 189 -7.37 10.43 -26.00
CA GLY B 189 -8.22 11.42 -26.63
C GLY B 189 -8.26 11.25 -28.13
N ASP B 190 -9.16 12.02 -28.75
CA ASP B 190 -9.33 12.01 -30.19
C ASP B 190 -8.88 13.35 -30.76
N PRO B 191 -7.81 13.38 -31.57
CA PRO B 191 -7.35 14.66 -32.11
C PRO B 191 -8.30 15.29 -33.10
N LYS B 192 -9.18 14.52 -33.73
CA LYS B 192 -10.11 15.07 -34.70
C LYS B 192 -11.24 15.81 -33.99
N GLN B 193 -11.72 16.89 -34.61
CA GLN B 193 -12.75 17.71 -34.00
C GLN B 193 -14.02 16.92 -33.74
N SER B 194 -14.41 16.06 -34.68
CA SER B 194 -15.54 15.14 -34.53
C SER B 194 -16.84 15.87 -34.25
N ILE B 195 -17.78 15.18 -33.63
CA ILE B 195 -19.13 15.71 -33.43
C ILE B 195 -19.49 15.89 -31.96
N TYR B 196 -18.83 15.19 -31.04
CA TYR B 196 -19.25 15.13 -29.64
C TYR B 196 -18.24 15.91 -28.80
N ILE B 197 -18.73 16.92 -28.08
CA ILE B 197 -17.89 17.74 -27.21
C ILE B 197 -18.68 18.05 -25.94
N TRP B 198 -17.98 18.08 -24.81
CA TRP B 198 -18.56 18.59 -23.58
C TRP B 198 -18.68 20.11 -23.68
N ARG B 199 -19.72 20.66 -23.01
CA ARG B 199 -20.14 22.03 -23.27
C ARG B 199 -19.02 23.06 -23.11
N GLY B 200 -17.94 22.72 -22.41
CA GLY B 200 -16.81 23.63 -22.29
C GLY B 200 -15.55 23.10 -22.92
N ALA B 201 -15.69 22.25 -23.94
CA ALA B 201 -14.54 21.61 -24.55
C ALA B 201 -13.69 22.60 -25.32
N GLU B 202 -12.37 22.45 -25.22
CA GLU B 202 -11.42 23.18 -26.04
C GLU B 202 -10.40 22.18 -26.57
N PRO B 203 -10.46 21.79 -27.85
CA PRO B 203 -9.51 20.78 -28.35
C PRO B 203 -8.07 21.27 -28.42
N GLU B 204 -7.83 22.57 -28.25
CA GLU B 204 -6.48 23.11 -28.45
C GLU B 204 -5.54 22.67 -27.33
N ASN B 205 -6.05 22.56 -26.10
CA ASN B 205 -5.20 22.13 -24.99
C ASN B 205 -4.71 20.70 -25.20
N PHE B 206 -5.56 19.84 -25.74
CA PHE B 206 -5.13 18.49 -26.12
C PHE B 206 -4.19 18.55 -27.31
N ASN B 207 -4.55 19.34 -28.34
CA ASN B 207 -3.69 19.47 -29.50
C ASN B 207 -2.35 20.11 -29.14
N GLY B 208 -2.36 21.04 -28.19
CA GLY B 208 -1.12 21.68 -27.78
C GLY B 208 -0.15 20.73 -27.12
N LEU B 209 -0.67 19.75 -26.38
CA LEU B 209 0.21 18.76 -25.77
C LEU B 209 0.85 17.85 -26.81
N ILE B 210 0.16 17.59 -27.92
CA ILE B 210 0.73 16.76 -28.97
C ILE B 210 1.88 17.49 -29.66
N GLU B 211 1.83 18.82 -29.71
CA GLU B 211 2.78 19.61 -30.46
C GLU B 211 4.00 20.03 -29.66
N ASN B 212 3.81 20.50 -28.42
CA ASN B 212 4.87 21.18 -27.68
C ASN B 212 5.26 20.53 -26.38
N SER B 213 4.76 19.35 -26.04
CA SER B 213 5.07 18.74 -24.76
C SER B 213 6.23 17.75 -24.92
N THR B 214 7.31 17.97 -24.17
CA THR B 214 8.44 17.05 -24.16
C THR B 214 8.32 15.96 -23.10
N ASP B 215 7.48 16.17 -22.08
CA ASP B 215 7.34 15.16 -21.03
C ASP B 215 6.55 13.95 -21.52
N PHE B 216 5.47 14.17 -22.26
CA PHE B 216 4.62 13.06 -22.68
C PHE B 216 5.27 12.26 -23.80
N ASN B 217 4.90 10.98 -23.87
CA ASN B 217 5.29 10.07 -24.94
C ASN B 217 4.07 9.80 -25.79
N LYS B 218 4.12 10.22 -27.05
CA LYS B 218 2.95 10.15 -27.94
C LYS B 218 2.82 8.77 -28.57
N TYR B 219 1.58 8.31 -28.69
CA TYR B 219 1.26 7.03 -29.31
C TYR B 219 0.03 7.19 -30.19
N HIS B 220 -0.23 6.17 -31.01
CA HIS B 220 -1.38 6.18 -31.90
C HIS B 220 -2.03 4.80 -31.90
N LEU B 221 -3.32 4.77 -32.19
CA LEU B 221 -4.10 3.53 -32.19
C LEU B 221 -4.68 3.29 -33.58
N THR B 222 -4.69 2.03 -34.00
CA THR B 222 -5.26 1.67 -35.28
C THR B 222 -6.79 1.76 -35.23
N SER B 223 -7.39 2.23 -36.33
CA SER B 223 -8.84 2.38 -36.36
C SER B 223 -9.55 1.04 -36.32
N ASN B 224 -9.05 0.06 -37.09
CA ASN B 224 -9.68 -1.25 -37.14
C ASN B 224 -8.86 -2.27 -36.35
N PHE B 225 -8.57 -1.97 -35.09
CA PHE B 225 -7.77 -2.87 -34.26
C PHE B 225 -8.52 -4.17 -33.99
N ARG B 226 -9.85 -4.09 -33.81
CA ARG B 226 -10.62 -5.28 -33.46
C ARG B 226 -10.77 -6.23 -34.64
N CYS B 227 -10.80 -5.70 -35.86
CA CYS B 227 -10.94 -6.54 -37.04
C CYS B 227 -9.69 -7.38 -37.26
N CYS B 228 -9.88 -8.58 -37.81
CA CYS B 228 -8.76 -9.46 -38.08
C CYS B 228 -7.92 -8.91 -39.23
N GLN B 229 -6.73 -9.48 -39.40
CA GLN B 229 -5.79 -8.96 -40.39
C GLN B 229 -6.31 -9.13 -41.80
N ASP B 230 -6.98 -10.25 -42.09
CA ASP B 230 -7.48 -10.48 -43.44
C ASP B 230 -8.59 -9.50 -43.80
N ILE B 231 -9.48 -9.19 -42.85
CA ILE B 231 -10.53 -8.22 -43.12
C ILE B 231 -9.95 -6.82 -43.25
N GLN B 232 -8.90 -6.51 -42.48
CA GLN B 232 -8.26 -5.21 -42.59
C GLN B 232 -7.64 -5.01 -43.97
N ASN B 233 -7.05 -6.07 -44.53
CA ASN B 233 -6.43 -5.94 -45.85
C ASN B 233 -7.46 -5.71 -46.94
N TYR B 234 -8.62 -6.35 -46.84
CA TYR B 234 -9.66 -6.17 -47.84
C TYR B 234 -10.30 -4.79 -47.73
N SER B 235 -10.38 -4.24 -46.52
CA SER B 235 -11.05 -2.95 -46.35
C SER B 235 -10.16 -1.79 -46.77
N ASN B 236 -8.88 -1.86 -46.46
CA ASN B 236 -7.97 -0.74 -46.67
C ASN B 236 -7.53 -0.57 -48.11
N LEU B 237 -7.81 -1.54 -48.99
CA LEU B 237 -7.31 -1.44 -50.36
C LEU B 237 -8.14 -0.52 -51.23
N PHE B 238 -9.35 -0.16 -50.79
CA PHE B 238 -10.23 0.67 -51.61
C PHE B 238 -9.92 2.16 -51.48
N ASN B 239 -9.39 2.59 -50.34
CA ASN B 239 -9.01 3.99 -50.15
C ASN B 239 -7.49 4.12 -50.23
N GLU B 240 -7.04 5.14 -50.97
CA GLU B 240 -5.61 5.27 -51.26
C GLU B 240 -4.80 5.51 -50.00
N GLU B 241 -5.31 6.33 -49.08
CA GLU B 241 -4.58 6.58 -47.83
C GLU B 241 -4.44 5.32 -47.00
N THR B 242 -5.39 4.39 -47.11
CA THR B 242 -5.39 3.18 -46.30
C THR B 242 -4.62 2.03 -46.93
N ARG B 243 -4.32 2.11 -48.23
CA ARG B 243 -3.59 1.04 -48.91
C ARG B 243 -2.16 0.85 -48.42
N SER B 244 -1.56 1.86 -47.81
CA SER B 244 -0.17 1.76 -47.40
C SER B 244 0.03 0.98 -46.10
N LEU B 245 -0.99 0.94 -45.23
CA LEU B 245 -0.79 0.35 -43.91
C LEU B 245 -0.89 -1.16 -43.91
N ILE B 246 -1.57 -1.75 -44.89
CA ILE B 246 -1.81 -3.18 -44.88
C ILE B 246 -0.58 -3.92 -45.42
N LYS B 247 -0.35 -5.11 -44.87
CA LYS B 247 0.73 -5.98 -45.30
C LYS B 247 0.16 -7.30 -45.80
N GLU B 248 0.73 -7.81 -46.88
CA GLU B 248 0.21 -9.01 -47.51
C GLU B 248 0.49 -10.24 -46.65
N LYS B 249 -0.38 -11.24 -46.77
CA LYS B 249 -0.24 -12.51 -46.07
C LYS B 249 -0.21 -13.65 -47.09
N ASN B 250 0.54 -14.70 -46.76
CA ASN B 250 0.68 -15.84 -47.68
C ASN B 250 -0.65 -16.55 -47.89
N GLU B 251 -1.49 -16.65 -46.86
CA GLU B 251 -2.77 -17.36 -46.95
C GLU B 251 -3.87 -16.47 -46.40
N VAL B 252 -4.97 -16.38 -47.15
CA VAL B 252 -6.14 -15.60 -46.75
C VAL B 252 -7.32 -16.55 -46.56
N GLN B 253 -7.95 -16.49 -45.40
CA GLN B 253 -9.06 -17.39 -45.06
C GLN B 253 -10.30 -16.70 -44.55
N ASN B 254 -10.22 -15.46 -44.08
CA ASN B 254 -11.36 -14.83 -43.41
C ASN B 254 -12.32 -14.18 -44.40
N VAL B 255 -11.84 -13.68 -45.53
CA VAL B 255 -12.67 -12.99 -46.50
C VAL B 255 -13.03 -13.96 -47.62
N ILE B 256 -14.32 -14.20 -47.80
CA ILE B 256 -14.82 -15.17 -48.78
C ILE B 256 -15.58 -14.41 -49.86
N SER B 257 -15.32 -14.77 -51.12
CA SER B 257 -16.06 -14.23 -52.26
C SER B 257 -16.77 -15.36 -52.99
N ILE B 258 -18.04 -15.15 -53.29
CA ILE B 258 -18.85 -16.13 -54.02
C ILE B 258 -19.79 -15.37 -54.96
N ALA B 259 -19.77 -15.73 -56.23
CA ALA B 259 -20.65 -15.10 -57.20
C ALA B 259 -22.08 -15.56 -56.99
N ASP B 260 -23.02 -14.60 -57.04
CA ASP B 260 -24.42 -14.88 -56.79
C ASP B 260 -25.05 -15.46 -58.05
N ASP B 261 -25.08 -16.79 -58.13
CA ASP B 261 -25.72 -17.50 -59.22
C ASP B 261 -27.07 -18.08 -58.82
N MET B 262 -27.17 -18.62 -57.60
CA MET B 262 -28.40 -19.19 -57.05
C MET B 262 -29.15 -18.12 -56.27
N PRO B 263 -30.42 -18.38 -55.89
CA PRO B 263 -31.16 -17.41 -55.09
C PRO B 263 -30.45 -17.04 -53.81
N ILE B 264 -30.89 -15.92 -53.22
CA ILE B 264 -30.22 -15.35 -52.05
C ILE B 264 -30.26 -16.34 -50.89
N SER B 265 -31.41 -16.98 -50.66
CA SER B 265 -31.51 -17.95 -49.57
C SER B 265 -30.64 -19.16 -49.80
N ASP B 266 -30.43 -19.55 -51.07
CA ASP B 266 -29.58 -20.70 -51.36
C ASP B 266 -28.11 -20.40 -51.12
N ILE B 267 -27.68 -19.16 -51.36
CA ILE B 267 -26.30 -18.78 -51.05
C ILE B 267 -26.07 -18.86 -49.55
N LEU B 268 -27.09 -18.48 -48.75
CA LEU B 268 -26.97 -18.58 -47.30
C LEU B 268 -26.88 -20.03 -46.86
N LEU B 269 -27.67 -20.92 -47.48
CA LEU B 269 -27.59 -22.34 -47.15
C LEU B 269 -26.28 -22.94 -47.64
N LYS B 270 -25.77 -22.48 -48.78
CA LYS B 270 -24.53 -23.01 -49.32
C LYS B 270 -23.35 -22.67 -48.42
N LEU B 271 -23.30 -21.44 -47.92
CA LEU B 271 -22.20 -21.03 -47.06
C LEU B 271 -22.29 -21.67 -45.68
N THR B 272 -23.50 -22.02 -45.24
CA THR B 272 -23.69 -22.55 -43.89
C THR B 272 -23.51 -24.06 -43.83
N GLU B 273 -23.87 -24.78 -44.88
CA GLU B 273 -23.88 -26.24 -44.85
C GLU B 273 -22.87 -26.89 -45.78
N GLU B 274 -22.69 -26.37 -46.99
CA GLU B 274 -21.80 -27.02 -47.95
C GLU B 274 -20.33 -26.74 -47.66
N LYS B 275 -20.01 -25.52 -47.22
CA LYS B 275 -18.64 -25.18 -46.87
C LYS B 275 -18.44 -24.92 -45.39
N GLN B 276 -19.52 -24.62 -44.64
CA GLN B 276 -19.46 -24.38 -43.20
C GLN B 276 -18.50 -23.25 -42.85
N VAL B 277 -18.38 -22.26 -43.74
CA VAL B 277 -17.57 -21.07 -43.44
C VAL B 277 -18.33 -20.06 -42.60
N LEU B 278 -19.66 -20.22 -42.47
CA LEU B 278 -20.46 -19.40 -41.57
C LEU B 278 -21.26 -20.31 -40.66
N ASN B 279 -21.25 -20.03 -39.36
CA ASN B 279 -21.97 -20.82 -38.38
C ASN B 279 -23.35 -20.21 -38.14
N ILE B 280 -24.39 -21.06 -38.16
CA ILE B 280 -25.74 -20.58 -37.92
C ILE B 280 -25.91 -20.17 -36.45
N GLU B 281 -25.10 -20.73 -35.56
CA GLU B 281 -25.16 -20.38 -34.15
C GLU B 281 -24.48 -19.04 -33.85
N ALA B 282 -23.52 -18.64 -34.67
CA ALA B 282 -22.93 -17.31 -34.54
C ALA B 282 -23.84 -16.26 -35.19
N GLU B 283 -23.70 -15.02 -34.74
CA GLU B 283 -24.55 -13.95 -35.26
C GLU B 283 -24.19 -13.65 -36.70
N LEU B 284 -25.21 -13.54 -37.55
CA LEU B 284 -25.03 -13.28 -38.97
C LEU B 284 -25.87 -12.07 -39.36
N VAL B 285 -25.26 -11.14 -40.08
CA VAL B 285 -25.95 -9.91 -40.49
C VAL B 285 -25.60 -9.61 -41.95
N ILE B 286 -26.59 -9.07 -42.67
CA ILE B 286 -26.50 -8.81 -44.09
C ILE B 286 -26.63 -7.31 -44.34
N LEU B 287 -25.90 -6.82 -45.32
CA LEU B 287 -25.81 -5.39 -45.59
C LEU B 287 -26.57 -5.01 -46.85
N VAL B 288 -27.33 -3.93 -46.77
CA VAL B 288 -28.05 -3.34 -47.90
C VAL B 288 -27.88 -1.84 -47.85
N ARG B 289 -28.16 -1.19 -48.99
CA ARG B 289 -28.07 0.26 -49.08
C ARG B 289 -29.38 0.94 -48.73
N ARG B 290 -30.51 0.38 -49.15
CA ARG B 290 -31.82 0.98 -48.95
C ARG B 290 -32.69 0.05 -48.12
N ARG B 291 -33.79 0.61 -47.60
CA ARG B 291 -34.70 -0.18 -46.78
C ARG B 291 -35.43 -1.23 -47.61
N ASN B 292 -35.67 -0.95 -48.89
CA ASN B 292 -36.38 -1.92 -49.73
C ASN B 292 -35.52 -3.16 -49.97
N GLN B 293 -34.20 -2.98 -50.10
CA GLN B 293 -33.33 -4.14 -50.32
C GLN B 293 -33.30 -5.05 -49.10
N ALA B 294 -33.53 -4.51 -47.91
CA ALA B 294 -33.55 -5.34 -46.71
C ALA B 294 -34.89 -6.06 -46.56
N ILE B 295 -35.98 -5.40 -46.95
CA ILE B 295 -37.30 -6.01 -46.82
C ILE B 295 -37.43 -7.23 -47.72
N GLU B 296 -36.97 -7.13 -48.97
CA GLU B 296 -37.10 -8.25 -49.90
C GLU B 296 -36.22 -9.43 -49.48
N ILE B 297 -35.06 -9.15 -48.88
CA ILE B 297 -34.23 -10.24 -48.38
C ILE B 297 -34.83 -10.85 -47.14
N MET B 298 -35.42 -10.02 -46.28
CA MET B 298 -36.07 -10.53 -45.07
C MET B 298 -37.29 -11.37 -45.41
N LYS B 299 -38.08 -10.95 -46.39
CA LYS B 299 -39.26 -11.71 -46.77
C LYS B 299 -38.90 -13.00 -47.48
N GLU B 300 -37.82 -12.99 -48.26
CA GLU B 300 -37.42 -14.20 -48.99
C GLU B 300 -36.92 -15.28 -48.05
N LEU B 301 -36.34 -14.89 -46.92
CA LEU B 301 -35.82 -15.82 -45.92
C LEU B 301 -36.89 -16.36 -44.98
N ASN B 302 -37.98 -15.61 -44.77
CA ASN B 302 -39.08 -16.14 -43.97
C ASN B 302 -39.74 -17.33 -44.65
N GLU B 303 -39.70 -17.36 -45.99
CA GLU B 303 -40.29 -18.48 -46.72
C GLU B 303 -39.46 -19.75 -46.58
N GLU B 304 -38.14 -19.60 -46.41
CA GLU B 304 -37.22 -20.73 -46.36
C GLU B 304 -36.96 -21.20 -44.94
N GLY B 305 -37.74 -20.75 -43.96
CA GLY B 305 -37.55 -21.12 -42.57
C GLY B 305 -36.63 -20.20 -41.80
N PHE B 306 -35.82 -19.40 -42.48
CA PHE B 306 -34.95 -18.45 -41.78
C PHE B 306 -35.79 -17.38 -41.09
N ASN B 307 -35.49 -17.11 -39.83
CA ASN B 307 -36.14 -16.07 -39.06
C ASN B 307 -35.18 -14.90 -38.86
N PHE B 308 -35.65 -13.68 -39.10
CA PHE B 308 -34.79 -12.51 -39.04
C PHE B 308 -35.59 -11.31 -38.55
N ILE B 309 -34.91 -10.43 -37.84
CA ILE B 309 -35.42 -9.12 -37.47
C ILE B 309 -34.47 -8.07 -38.03
N PHE B 310 -35.03 -7.03 -38.65
CA PHE B 310 -34.26 -6.03 -39.37
C PHE B 310 -34.31 -4.70 -38.65
N ILE B 311 -33.15 -4.13 -38.37
CA ILE B 311 -33.04 -2.84 -37.71
C ILE B 311 -32.94 -1.75 -38.78
N PRO B 312 -33.85 -0.78 -38.81
CA PRO B 312 -33.75 0.30 -39.80
C PRO B 312 -33.05 1.53 -39.24
N GLN B 313 -32.42 2.32 -40.12
CA GLN B 313 -31.80 3.55 -39.67
C GLN B 313 -32.87 4.59 -39.35
N THR B 314 -32.78 5.17 -38.16
CA THR B 314 -33.74 6.13 -37.66
C THR B 314 -33.38 7.54 -38.11
N PRO B 315 -34.34 8.47 -38.07
CA PRO B 315 -34.00 9.86 -38.36
C PRO B 315 -32.94 10.44 -37.45
N LEU B 316 -32.79 9.90 -36.24
CA LEU B 316 -31.74 10.34 -35.33
C LEU B 316 -30.36 9.81 -35.71
N ASP B 317 -30.29 8.77 -36.54
CA ASP B 317 -29.01 8.23 -36.98
C ASP B 317 -28.32 9.20 -37.94
N ARG B 318 -27.84 10.31 -37.40
CA ARG B 318 -27.23 11.37 -38.19
C ARG B 318 -26.15 12.05 -37.35
N ALA B 319 -25.03 12.37 -37.99
CA ALA B 319 -23.90 12.98 -37.29
C ALA B 319 -24.25 14.39 -36.80
N THR B 320 -24.82 14.47 -35.62
CA THR B 320 -25.24 15.72 -35.00
C THR B 320 -24.68 15.79 -33.58
N PRO B 321 -24.54 16.98 -33.01
CA PRO B 321 -23.92 17.08 -31.68
C PRO B 321 -24.65 16.33 -30.59
N ASN B 322 -25.99 16.27 -30.63
CA ASN B 322 -26.77 15.65 -29.58
C ASN B 322 -27.38 14.31 -30.00
N ALA B 323 -26.85 13.69 -31.05
CA ALA B 323 -27.41 12.43 -31.53
C ALA B 323 -27.32 11.34 -30.48
N THR B 324 -26.17 11.23 -29.81
CA THR B 324 -25.99 10.15 -28.84
C THR B 324 -26.93 10.30 -27.65
N LEU B 325 -27.08 11.51 -27.14
CA LEU B 325 -27.96 11.72 -25.99
C LEU B 325 -29.42 11.59 -26.39
N LEU B 326 -29.79 12.07 -27.59
CA LEU B 326 -31.18 12.00 -28.02
C LEU B 326 -31.64 10.55 -28.16
N LYS B 327 -30.76 9.66 -28.64
CA LYS B 327 -31.13 8.26 -28.75
C LYS B 327 -31.39 7.65 -27.37
N GLU B 328 -30.60 8.04 -26.37
CA GLU B 328 -30.79 7.50 -25.03
C GLU B 328 -32.11 7.97 -24.42
N VAL B 329 -32.54 9.20 -24.75
CA VAL B 329 -33.85 9.65 -24.29
C VAL B 329 -34.95 8.81 -24.92
N ILE B 330 -34.75 8.38 -26.17
CA ILE B 330 -35.74 7.52 -26.83
C ILE B 330 -35.76 6.14 -26.17
N LYS B 331 -34.58 5.61 -25.86
CA LYS B 331 -34.50 4.30 -25.23
C LYS B 331 -35.19 4.27 -23.87
N TYR B 332 -35.13 5.39 -23.14
CA TYR B 332 -35.85 5.45 -21.86
C TYR B 332 -37.35 5.55 -22.06
N VAL B 333 -37.78 6.19 -23.14
CA VAL B 333 -39.21 6.32 -23.40
C VAL B 333 -39.77 5.00 -23.95
N LYS B 334 -39.04 4.37 -24.87
CA LYS B 334 -39.57 3.19 -25.54
C LYS B 334 -39.57 1.96 -24.62
N ASN B 335 -38.49 1.76 -23.86
CA ASN B 335 -38.32 0.57 -23.05
C ASN B 335 -38.63 0.87 -21.59
N ASP B 336 -39.39 -0.03 -20.96
CA ASP B 336 -39.73 0.10 -19.55
C ASP B 336 -38.59 -0.36 -18.64
N ARG B 337 -37.83 -1.38 -19.04
CA ARG B 337 -36.73 -1.85 -18.22
C ARG B 337 -35.55 -0.88 -18.19
N TYR B 338 -35.46 0.01 -19.18
CA TYR B 338 -34.41 1.03 -19.19
C TYR B 338 -34.68 2.02 -18.06
N SER B 339 -33.80 2.03 -17.06
CA SER B 339 -34.01 2.84 -15.87
C SER B 339 -33.65 4.30 -16.14
N ILE B 340 -34.17 5.18 -15.28
CA ILE B 340 -33.83 6.58 -15.34
C ILE B 340 -32.37 6.80 -14.93
N TYR B 341 -31.83 5.90 -14.10
CA TYR B 341 -30.42 5.99 -13.72
C TYR B 341 -29.51 5.67 -14.89
N ASP B 342 -29.94 4.76 -15.77
CA ASP B 342 -29.18 4.49 -16.99
C ASP B 342 -29.14 5.71 -17.89
N LEU B 343 -30.23 6.49 -17.93
CA LEU B 343 -30.24 7.72 -18.71
C LEU B 343 -29.37 8.79 -18.05
N ALA B 344 -29.40 8.87 -16.72
CA ALA B 344 -28.57 9.85 -16.04
C ALA B 344 -27.09 9.52 -16.15
N ALA B 345 -26.76 8.23 -16.31
CA ALA B 345 -25.35 7.85 -16.46
C ALA B 345 -24.78 8.38 -17.77
N GLU B 346 -25.61 8.50 -18.81
CA GLU B 346 -25.13 9.05 -20.08
C GLU B 346 -24.92 10.56 -20.01
N ILE B 347 -25.61 11.24 -19.10
CA ILE B 347 -25.41 12.68 -18.93
C ILE B 347 -24.04 12.96 -18.34
N VAL B 348 -23.37 13.99 -18.85
CA VAL B 348 -22.05 14.36 -18.35
C VAL B 348 -22.14 14.83 -16.91
N GLY B 349 -21.23 14.34 -16.08
CA GLY B 349 -21.22 14.68 -14.67
C GLY B 349 -21.99 13.69 -13.82
N ASN B 350 -21.73 13.74 -12.52
CA ASN B 350 -22.38 12.86 -11.55
C ASN B 350 -23.54 13.64 -10.93
N LEU B 351 -24.72 13.50 -11.54
CA LEU B 351 -25.89 14.23 -11.08
C LEU B 351 -26.34 13.74 -9.71
N SER B 352 -26.83 14.66 -8.89
CA SER B 352 -27.31 14.31 -7.56
C SER B 352 -28.68 13.65 -7.67
N SER B 353 -29.13 13.09 -6.53
CA SER B 353 -30.43 12.43 -6.51
C SER B 353 -31.56 13.43 -6.67
N ARG B 354 -31.39 14.65 -6.14
CA ARG B 354 -32.42 15.67 -6.31
C ARG B 354 -32.46 16.18 -7.74
N GLU B 355 -31.29 16.40 -8.35
CA GLU B 355 -31.24 16.81 -9.74
C GLU B 355 -31.77 15.73 -10.68
N ILE B 356 -31.60 14.46 -10.32
CA ILE B 356 -32.16 13.38 -11.12
C ILE B 356 -33.69 13.42 -11.08
N LYS B 357 -34.26 13.76 -9.91
CA LYS B 357 -35.71 13.80 -9.78
C LYS B 357 -36.31 14.93 -10.60
N GLU B 358 -35.58 16.04 -10.78
CA GLU B 358 -36.09 17.13 -11.61
C GLU B 358 -36.04 16.78 -13.09
N ILE B 359 -34.97 16.13 -13.53
CA ILE B 359 -34.89 15.70 -14.93
C ILE B 359 -35.93 14.63 -15.22
N GLN B 360 -36.16 13.72 -14.26
CA GLN B 360 -37.18 12.70 -14.44
C GLN B 360 -38.57 13.31 -14.59
N LYS B 361 -38.81 14.44 -13.92
CA LYS B 361 -40.12 15.09 -14.02
C LYS B 361 -40.36 15.64 -15.42
N ILE B 362 -39.32 16.16 -16.06
CA ILE B 362 -39.48 16.73 -17.40
C ILE B 362 -39.78 15.62 -18.42
N ILE B 363 -39.09 14.48 -18.29
CA ILE B 363 -39.27 13.41 -19.26
C ILE B 363 -40.57 12.64 -19.06
N ASN B 364 -41.13 12.63 -17.85
CA ASN B 364 -42.36 11.88 -17.60
C ASN B 364 -43.53 12.38 -18.45
N GLU B 365 -43.43 13.58 -19.03
CA GLU B 365 -44.47 14.05 -19.92
C GLU B 365 -44.49 13.29 -21.23
N LEU B 366 -43.35 12.70 -21.63
CA LEU B 366 -43.28 11.91 -22.85
C LEU B 366 -43.79 10.50 -22.67
N LEU B 367 -44.00 10.05 -21.43
CA LEU B 367 -44.47 8.70 -21.17
C LEU B 367 -45.98 8.55 -21.37
N VAL B 368 -46.72 9.65 -21.50
CA VAL B 368 -48.15 9.56 -21.75
C VAL B 368 -48.35 9.39 -23.25
N PRO B 369 -49.34 8.62 -23.69
CA PRO B 369 -49.49 8.37 -25.13
C PRO B 369 -50.41 9.36 -25.83
N ASN B 370 -50.10 9.58 -27.10
CA ASN B 370 -50.92 10.38 -28.01
C ASN B 370 -51.10 11.81 -27.49
N ILE B 371 -49.98 12.55 -27.47
CA ILE B 371 -50.01 13.94 -27.02
C ILE B 371 -49.37 14.86 -28.06
N ASN B 372 -49.27 14.38 -29.30
CA ASN B 372 -49.05 15.18 -30.50
C ASN B 372 -47.64 15.74 -30.61
N GLN B 373 -47.36 16.41 -31.73
CA GLN B 373 -45.98 16.79 -32.02
C GLN B 373 -45.56 18.04 -31.25
N VAL B 374 -46.50 18.93 -30.94
CA VAL B 374 -46.15 20.19 -30.32
C VAL B 374 -45.60 19.98 -28.91
N LEU B 375 -46.26 19.13 -28.11
CA LEU B 375 -45.82 18.94 -26.73
C LEU B 375 -44.48 18.22 -26.66
N ILE B 376 -44.17 17.38 -27.65
CA ILE B 376 -42.87 16.68 -27.65
C ILE B 376 -41.74 17.69 -27.84
N ASN B 377 -41.97 18.73 -28.64
CA ASN B 377 -40.92 19.72 -28.88
C ASN B 377 -40.65 20.55 -27.63
N GLN B 378 -41.69 20.89 -26.87
CA GLN B 378 -41.49 21.72 -25.68
C GLN B 378 -40.82 20.93 -24.56
N VAL B 379 -41.21 19.68 -24.37
CA VAL B 379 -40.54 18.82 -23.39
C VAL B 379 -39.06 18.69 -23.72
N LEU B 380 -38.75 18.61 -25.02
CA LEU B 380 -37.35 18.47 -25.44
C LEU B 380 -36.57 19.74 -25.17
N ILE B 381 -37.17 20.91 -25.43
CA ILE B 381 -36.51 22.16 -25.13
C ILE B 381 -36.35 22.34 -23.62
N ASN B 382 -37.39 21.97 -22.86
CA ASN B 382 -37.29 22.06 -21.41
C ASN B 382 -36.21 21.13 -20.86
N LEU B 383 -36.06 19.96 -21.47
CA LEU B 383 -35.02 19.02 -21.04
C LEU B 383 -33.64 19.59 -21.29
N PHE B 384 -33.37 20.04 -22.51
CA PHE B 384 -32.05 20.54 -22.85
C PHE B 384 -31.78 21.94 -22.31
N ALA B 385 -32.82 22.66 -21.89
CA ALA B 385 -32.59 23.95 -21.25
C ALA B 385 -31.92 23.77 -19.89
N LYS B 386 -32.27 22.71 -19.16
CA LYS B 386 -31.61 22.42 -17.90
C LYS B 386 -30.15 22.05 -18.12
N LEU B 387 -29.85 21.34 -19.20
CA LEU B 387 -28.48 20.95 -19.53
C LEU B 387 -27.70 22.05 -20.23
N GLU B 388 -28.33 23.20 -20.48
CA GLU B 388 -27.70 24.34 -21.15
C GLU B 388 -27.13 23.93 -22.51
N ILE B 389 -27.98 23.25 -23.30
CA ILE B 389 -27.61 22.78 -24.63
C ILE B 389 -28.73 23.16 -25.58
N THR B 390 -28.40 23.91 -26.63
CA THR B 390 -29.39 24.19 -27.67
C THR B 390 -29.52 22.97 -28.58
N LEU B 391 -30.68 22.87 -29.23
CA LEU B 391 -31.03 21.70 -30.01
C LEU B 391 -31.25 22.09 -31.46
N ASP B 392 -30.64 21.32 -32.37
CA ASP B 392 -30.81 21.58 -33.79
C ASP B 392 -32.26 21.36 -34.20
N THR B 393 -32.72 22.16 -35.17
CA THR B 393 -34.10 22.05 -35.64
C THR B 393 -34.38 20.66 -36.21
N ARG B 394 -33.46 20.12 -37.01
CA ARG B 394 -33.65 18.79 -37.55
C ARG B 394 -33.48 17.72 -36.48
N GLU B 395 -32.72 18.00 -35.42
CA GLU B 395 -32.63 17.07 -34.30
C GLU B 395 -33.95 16.98 -33.55
N ILE B 396 -34.68 18.10 -33.45
CA ILE B 396 -35.97 18.10 -32.79
C ILE B 396 -36.98 17.31 -33.60
N THR B 397 -37.02 17.52 -34.92
CA THR B 397 -37.97 16.79 -35.76
C THR B 397 -37.63 15.31 -35.84
N ALA B 398 -36.34 14.98 -35.83
CA ALA B 398 -35.94 13.58 -35.83
C ALA B 398 -36.34 12.89 -34.53
N PHE B 399 -36.19 13.58 -33.41
CA PHE B 399 -36.65 13.05 -32.13
C PHE B 399 -38.16 12.89 -32.13
N THR B 400 -38.88 13.89 -32.63
CA THR B 400 -40.33 13.85 -32.65
C THR B 400 -40.84 12.67 -33.48
N GLU B 401 -40.29 12.51 -34.69
CA GLU B 401 -40.78 11.49 -35.60
C GLU B 401 -40.64 10.09 -35.00
N VAL B 402 -39.54 9.85 -34.27
CA VAL B 402 -39.35 8.54 -33.65
C VAL B 402 -40.36 8.32 -32.53
N MET B 403 -40.74 9.39 -31.83
CA MET B 403 -41.69 9.25 -30.72
C MET B 403 -43.09 8.88 -31.20
N MET B 404 -43.48 9.36 -32.38
CA MET B 404 -44.85 9.17 -32.84
C MET B 404 -45.12 7.71 -33.19
N THR B 405 -44.22 7.08 -33.95
CA THR B 405 -44.45 5.77 -34.52
C THR B 405 -43.67 4.70 -33.79
N ASN B 406 -44.15 3.46 -33.91
CA ASN B 406 -43.46 2.28 -33.42
C ASN B 406 -42.57 1.65 -34.48
N GLU B 407 -42.28 2.38 -35.55
CA GLU B 407 -41.51 1.82 -36.65
C GLU B 407 -40.05 1.58 -36.25
N PHE B 408 -39.46 2.51 -35.50
CA PHE B 408 -38.07 2.44 -35.10
C PHE B 408 -37.89 1.95 -33.67
N ASP B 409 -38.86 1.21 -33.13
CA ASP B 409 -38.79 0.79 -31.73
C ASP B 409 -37.68 -0.22 -31.51
N ILE B 410 -37.55 -1.21 -32.40
CA ILE B 410 -36.56 -2.27 -32.19
C ILE B 410 -35.14 -1.76 -32.41
N ALA B 411 -34.97 -0.64 -33.13
CA ALA B 411 -33.64 -0.05 -33.26
C ALA B 411 -33.14 0.49 -31.92
N PHE B 412 -34.06 0.93 -31.06
CA PHE B 412 -33.73 1.37 -29.70
C PHE B 412 -34.12 0.33 -28.65
N ASP B 413 -34.43 -0.89 -29.08
CA ASP B 413 -34.82 -1.94 -28.13
C ASP B 413 -33.61 -2.38 -27.32
N THR B 414 -33.84 -2.66 -26.04
CA THR B 414 -32.77 -3.14 -25.18
C THR B 414 -32.40 -4.59 -25.48
N ASN B 415 -33.35 -5.37 -26.00
CA ASN B 415 -33.10 -6.77 -26.30
C ASN B 415 -32.10 -6.90 -27.44
N GLU B 416 -31.43 -8.04 -27.48
CA GLU B 416 -30.40 -8.33 -28.47
C GLU B 416 -30.77 -9.60 -29.23
N TYR B 417 -30.60 -9.56 -30.54
CA TYR B 417 -30.98 -10.67 -31.42
C TYR B 417 -29.75 -11.20 -32.14
N LEU B 418 -29.76 -12.51 -32.38
CA LEU B 418 -28.59 -13.16 -32.99
C LEU B 418 -28.50 -12.83 -34.48
N HIS B 419 -29.53 -13.20 -35.24
CA HIS B 419 -29.55 -13.00 -36.68
C HIS B 419 -30.33 -11.74 -37.01
N LYS B 420 -29.66 -10.80 -37.69
CA LYS B 420 -30.27 -9.53 -38.05
C LYS B 420 -29.83 -9.14 -39.46
N ILE B 421 -30.43 -8.06 -39.96
CA ILE B 421 -30.02 -7.41 -41.19
C ILE B 421 -30.04 -5.91 -40.93
N PHE B 422 -28.96 -5.23 -41.26
CA PHE B 422 -28.88 -3.79 -41.01
C PHE B 422 -28.39 -3.06 -42.26
N THR B 423 -28.79 -1.81 -42.36
CA THR B 423 -28.34 -0.92 -43.42
C THR B 423 -26.95 -0.39 -43.07
N VAL B 424 -26.22 0.02 -44.11
CA VAL B 424 -24.88 0.59 -43.93
C VAL B 424 -24.94 1.77 -42.96
N HIS B 425 -25.99 2.59 -43.07
CA HIS B 425 -26.15 3.71 -42.15
C HIS B 425 -26.83 3.30 -40.85
N SER B 426 -27.49 2.14 -40.81
CA SER B 426 -28.17 1.73 -39.58
C SER B 426 -27.17 1.47 -38.46
N ALA B 427 -26.12 0.72 -38.74
CA ALA B 427 -25.09 0.46 -37.73
C ALA B 427 -23.75 1.04 -38.17
N LYS B 428 -23.72 2.34 -38.43
CA LYS B 428 -22.45 3.02 -38.64
C LYS B 428 -21.57 2.93 -37.41
N GLY B 429 -22.18 2.80 -36.22
CA GLY B 429 -21.44 2.75 -34.98
C GLY B 429 -21.07 1.35 -34.54
N LEU B 430 -22.06 0.55 -34.15
CA LEU B 430 -21.78 -0.75 -33.57
C LEU B 430 -21.20 -1.71 -34.60
N GLU B 431 -20.44 -2.68 -34.10
CA GLU B 431 -19.73 -3.65 -34.93
C GLU B 431 -20.34 -5.03 -34.75
N PHE B 432 -20.28 -5.83 -35.82
CA PHE B 432 -20.87 -7.16 -35.84
C PHE B 432 -19.78 -8.21 -36.06
N ASN B 433 -20.12 -9.45 -35.75
CA ASN B 433 -19.14 -10.53 -35.80
C ASN B 433 -18.87 -10.97 -37.24
N GLN B 434 -19.90 -11.40 -37.95
CA GLN B 434 -19.78 -11.82 -39.34
C GLN B 434 -20.81 -11.08 -40.19
N VAL B 435 -20.36 -10.60 -41.36
CA VAL B 435 -21.17 -9.76 -42.22
C VAL B 435 -21.08 -10.28 -43.66
N ILE B 436 -22.20 -10.24 -44.38
CA ILE B 436 -22.26 -10.56 -45.79
C ILE B 436 -22.77 -9.33 -46.54
N ILE B 437 -22.08 -8.97 -47.63
CA ILE B 437 -22.46 -7.83 -48.44
C ILE B 437 -22.58 -8.28 -49.90
N THR B 438 -23.08 -7.38 -50.74
CA THR B 438 -23.20 -7.60 -52.17
C THR B 438 -22.45 -6.51 -52.93
N ALA B 439 -21.90 -6.87 -54.10
CA ALA B 439 -21.06 -5.96 -54.87
C ALA B 439 -21.85 -4.92 -55.67
N SER B 440 -23.04 -5.28 -56.16
CA SER B 440 -23.79 -4.37 -57.02
C SER B 440 -24.18 -3.08 -56.31
N ASP B 441 -24.07 -3.04 -54.98
CA ASP B 441 -24.50 -1.87 -54.22
C ASP B 441 -23.51 -0.71 -54.36
N TYR B 442 -22.22 -1.00 -54.49
CA TYR B 442 -21.18 0.01 -54.40
C TYR B 442 -20.55 0.26 -55.77
N ASN B 443 -20.52 1.52 -56.18
CA ASN B 443 -19.82 1.94 -57.39
C ASN B 443 -18.35 2.19 -57.05
N VAL B 444 -17.49 1.27 -57.47
CA VAL B 444 -16.09 1.32 -57.06
C VAL B 444 -15.20 2.11 -58.02
N HIS B 445 -15.63 2.30 -59.27
CA HIS B 445 -14.77 2.95 -60.26
C HIS B 445 -14.62 4.44 -59.96
N TYR B 446 -15.70 5.10 -59.55
CA TYR B 446 -15.68 6.53 -59.28
C TYR B 446 -15.73 6.85 -57.79
N ASN B 447 -15.54 5.85 -56.92
CA ASN B 447 -15.35 6.05 -55.49
C ASN B 447 -16.49 6.82 -54.84
N ARG B 448 -17.71 6.70 -55.38
CA ARG B 448 -18.86 7.34 -54.76
C ARG B 448 -19.24 6.65 -53.46
N ASP B 449 -19.23 5.32 -53.45
CA ASP B 449 -19.65 4.52 -52.30
C ASP B 449 -18.48 3.83 -51.62
N THR B 450 -17.25 4.29 -51.86
CA THR B 450 -16.09 3.67 -51.23
C THR B 450 -16.10 3.92 -49.72
N ASN B 451 -16.59 5.08 -49.29
CA ASN B 451 -16.70 5.34 -47.85
C ASN B 451 -17.75 4.45 -47.22
N GLU B 452 -18.91 4.32 -47.87
CA GLU B 452 -19.92 3.37 -47.38
C GLU B 452 -19.44 1.93 -47.50
N HIS B 453 -18.63 1.63 -48.52
CA HIS B 453 -18.08 0.28 -48.64
C HIS B 453 -17.03 0.02 -47.57
N TYR B 454 -16.18 1.01 -47.27
CA TYR B 454 -15.18 0.85 -46.23
C TYR B 454 -15.85 0.63 -44.87
N VAL B 455 -16.93 1.37 -44.60
CA VAL B 455 -17.71 1.13 -43.38
C VAL B 455 -18.29 -0.27 -43.39
N ALA B 456 -18.83 -0.68 -44.54
CA ALA B 456 -19.42 -2.02 -44.68
C ALA B 456 -18.40 -3.10 -44.36
N THR B 457 -17.16 -2.93 -44.84
CA THR B 457 -16.14 -3.95 -44.64
C THR B 457 -15.60 -3.97 -43.23
N THR B 458 -15.56 -2.81 -42.57
CA THR B 458 -15.02 -2.73 -41.21
C THR B 458 -16.00 -3.19 -40.15
N ARG B 459 -17.27 -3.41 -40.48
CA ARG B 459 -18.22 -3.88 -39.49
C ARG B 459 -17.94 -5.33 -39.11
N ALA B 460 -17.60 -6.16 -40.09
CA ALA B 460 -17.32 -7.57 -39.82
C ALA B 460 -16.09 -7.70 -38.94
N LYS B 461 -16.16 -8.60 -37.96
CA LYS B 461 -15.09 -8.79 -36.98
C LYS B 461 -14.25 -10.02 -37.26
N ASP B 462 -14.88 -11.18 -37.48
CA ASP B 462 -14.16 -12.43 -37.67
C ASP B 462 -14.16 -12.88 -39.13
N LYS B 463 -15.33 -13.07 -39.72
CA LYS B 463 -15.44 -13.57 -41.09
C LYS B 463 -16.27 -12.62 -41.92
N LEU B 464 -15.76 -12.24 -43.09
CA LEU B 464 -16.45 -11.37 -44.03
C LEU B 464 -16.71 -12.13 -45.32
N ILE B 465 -17.94 -12.07 -45.82
CA ILE B 465 -18.35 -12.78 -47.02
C ILE B 465 -18.83 -11.74 -48.03
N VAL B 466 -18.20 -11.72 -49.20
CA VAL B 466 -18.49 -10.75 -50.25
C VAL B 466 -19.12 -11.49 -51.43
N ILE B 467 -20.24 -10.98 -51.92
CA ILE B 467 -20.88 -11.48 -53.13
C ILE B 467 -20.43 -10.62 -54.29
N MET B 468 -19.94 -11.27 -55.35
CA MET B 468 -19.39 -10.56 -56.52
C MET B 468 -20.48 -10.38 -57.56
N ASP B 469 -21.39 -9.44 -57.27
CA ASP B 469 -22.50 -9.15 -58.15
C ASP B 469 -22.07 -8.29 -59.34
N ASN B 470 -21.17 -7.34 -59.11
CA ASN B 470 -20.77 -6.38 -60.12
C ASN B 470 -19.42 -6.77 -60.72
N LYS B 471 -19.34 -6.74 -62.06
CA LYS B 471 -18.07 -6.99 -62.72
C LYS B 471 -17.10 -5.84 -62.50
N LYS B 472 -17.60 -4.61 -62.45
CA LYS B 472 -16.75 -3.46 -62.18
C LYS B 472 -16.13 -3.54 -60.79
N TYR B 473 -16.84 -4.14 -59.84
CA TYR B 473 -16.28 -4.36 -58.52
C TYR B 473 -15.07 -5.29 -58.59
N SER B 474 -15.24 -6.44 -59.25
CA SER B 474 -14.15 -7.41 -59.35
C SER B 474 -12.99 -6.87 -60.18
N ASP B 475 -13.28 -6.02 -61.17
CA ASP B 475 -12.21 -5.44 -61.97
C ASP B 475 -11.34 -4.49 -61.16
N TYR B 476 -11.97 -3.71 -60.27
CA TYR B 476 -11.21 -2.79 -59.42
C TYR B 476 -10.31 -3.55 -58.46
N ILE B 477 -10.73 -4.75 -58.05
CA ILE B 477 -9.86 -5.59 -57.21
C ILE B 477 -8.67 -6.09 -58.02
N GLU B 478 -8.95 -6.69 -59.19
CA GLU B 478 -7.87 -7.26 -60.00
C GLU B 478 -6.93 -6.19 -60.54
N THR B 479 -7.44 -4.99 -60.81
CA THR B 479 -6.57 -3.93 -61.30
C THR B 479 -5.61 -3.45 -60.22
N LEU B 480 -6.13 -3.23 -59.01
CA LEU B 480 -5.28 -2.79 -57.91
C LEU B 480 -4.40 -3.91 -57.37
N MET B 481 -4.83 -5.16 -57.51
CA MET B 481 -3.97 -6.28 -57.14
C MET B 481 -2.74 -6.35 -58.04
N LYS B 482 -2.86 -5.86 -59.28
CA LYS B 482 -1.70 -5.80 -60.17
C LYS B 482 -0.82 -4.57 -59.87
N GLU B 483 -1.43 -3.46 -59.45
CA GLU B 483 -0.64 -2.29 -59.08
C GLU B 483 0.22 -2.59 -57.86
N LEU B 484 -0.31 -3.32 -56.90
CA LEU B 484 0.42 -3.68 -55.69
C LEU B 484 1.09 -5.05 -55.77
N LYS B 485 0.92 -5.75 -56.90
CA LYS B 485 1.47 -7.09 -57.09
C LYS B 485 1.02 -8.03 -55.97
N ILE B 486 -0.30 -8.12 -55.79
CA ILE B 486 -0.91 -8.97 -54.77
C ILE B 486 -1.53 -10.16 -55.47
N LYS B 487 -1.02 -11.35 -55.18
CA LYS B 487 -1.54 -12.57 -55.81
C LYS B 487 -2.89 -12.95 -55.21
N ASN B 488 -3.03 -12.84 -53.89
CA ASN B 488 -4.26 -13.22 -53.21
C ASN B 488 -4.60 -12.18 -52.16
N ILE B 489 -5.85 -11.71 -52.19
CA ILE B 489 -6.39 -10.81 -51.19
C ILE B 489 -7.80 -11.28 -50.85
N ILE B 490 -8.23 -12.34 -51.53
CA ILE B 490 -9.60 -12.81 -51.44
C ILE B 490 -9.60 -14.33 -51.58
N LYS B 491 -10.53 -14.97 -50.89
CA LYS B 491 -10.70 -16.42 -50.95
C LYS B 491 -12.01 -16.71 -51.67
N SER B 492 -11.93 -17.33 -52.84
CA SER B 492 -13.09 -17.59 -53.68
C SER B 492 -13.54 -19.04 -53.53
N ILE B 493 -14.85 -19.23 -53.40
CA ILE B 493 -15.42 -20.56 -53.33
C ILE B 493 -15.97 -20.95 -54.69
S SO4 C . -17.48 10.79 23.13
O1 SO4 C . -16.24 11.30 22.52
O2 SO4 C . -17.34 10.85 24.58
O3 SO4 C . -18.60 11.62 22.70
O4 SO4 C . -17.70 9.41 22.71
#